data_8K81
#
_entry.id   8K81
#
loop_
_entity.id
_entity.type
_entity.pdbx_description
1 polymer 'Insulinoma-associated protein 1'
2 non-polymer 'ZINC ION'
#
_entity_poly.entity_id   1
_entity_poly.type   'polypeptide(L)'
_entity_poly.pdbx_seq_one_letter_code
;GSDRDTPSPGGVSESGSEDGLYECHHCAKKFRRQAYLRKHLLAHHQALQAK
;
_entity_poly.pdbx_strand_id   A
#
# COMPACT_ATOMS: atom_id res chain seq x y z
N GLY A 1 -0.50 3.73 33.12
CA GLY A 1 0.74 4.54 33.15
C GLY A 1 1.28 4.71 34.56
N SER A 2 1.53 3.57 35.22
CA SER A 2 2.04 3.50 36.61
C SER A 2 2.35 2.02 36.94
N ASP A 3 2.91 1.32 35.96
CA ASP A 3 3.22 -0.12 36.05
C ASP A 3 4.36 -0.39 37.03
N ARG A 4 4.15 -1.41 37.88
CA ARG A 4 5.14 -1.89 38.88
C ARG A 4 6.41 -2.45 38.21
N ASP A 5 6.22 -3.10 37.04
CA ASP A 5 7.31 -3.58 36.18
C ASP A 5 7.55 -2.57 35.05
N THR A 6 8.68 -2.73 34.37
CA THR A 6 9.06 -1.92 33.21
C THR A 6 8.13 -2.27 32.02
N PRO A 7 7.39 -1.28 31.43
CA PRO A 7 6.54 -1.50 30.22
C PRO A 7 7.31 -2.08 29.00
N SER A 8 8.67 -1.98 29.06
CA SER A 8 9.63 -2.57 28.11
C SER A 8 9.70 -1.72 26.80
N PRO A 9 10.86 -1.03 26.51
CA PRO A 9 11.01 -0.19 25.31
C PRO A 9 11.12 -1.06 24.03
N GLY A 10 9.99 -1.16 23.29
CA GLY A 10 9.92 -1.93 22.04
C GLY A 10 10.59 -1.18 20.89
N GLY A 11 11.88 -1.48 20.61
CA GLY A 11 12.66 -0.81 19.57
C GLY A 11 12.99 -1.74 18.40
N VAL A 12 11.94 -2.33 17.79
CA VAL A 12 12.08 -3.20 16.60
C VAL A 12 11.40 -2.54 15.39
N SER A 13 11.50 -3.20 14.23
CA SER A 13 10.83 -2.79 13.00
C SER A 13 10.56 -4.03 12.13
N GLU A 14 9.36 -4.09 11.57
CA GLU A 14 8.98 -5.11 10.57
C GLU A 14 9.61 -4.68 9.22
N SER A 15 10.29 -5.61 8.53
CA SER A 15 11.10 -5.30 7.32
C SER A 15 10.23 -4.92 6.11
N GLY A 16 9.13 -5.69 5.90
CA GLY A 16 8.22 -5.51 4.74
C GLY A 16 7.45 -4.19 4.80
N SER A 17 7.08 -3.77 6.01
CA SER A 17 6.38 -2.49 6.25
C SER A 17 7.40 -1.35 6.38
N GLU A 18 8.58 -1.68 6.97
CA GLU A 18 9.72 -0.77 7.25
C GLU A 18 9.30 0.43 8.13
N ASP A 19 8.68 1.43 7.49
CA ASP A 19 8.20 2.67 8.13
C ASP A 19 6.92 2.42 8.97
N GLY A 20 6.24 1.30 8.70
CA GLY A 20 4.92 1.00 9.28
C GLY A 20 3.79 1.22 8.27
N LEU A 21 4.14 1.74 7.08
CA LEU A 21 3.24 1.78 5.92
C LEU A 21 3.09 0.36 5.36
N TYR A 22 1.86 -0.02 4.99
CA TYR A 22 1.60 -1.33 4.40
C TYR A 22 1.60 -1.17 2.89
N GLU A 23 2.64 -1.67 2.24
CA GLU A 23 2.75 -1.61 0.78
C GLU A 23 2.21 -2.92 0.19
N CYS A 24 1.20 -2.79 -0.68
CA CYS A 24 0.57 -3.94 -1.30
C CYS A 24 1.41 -4.37 -2.50
N HIS A 25 1.96 -5.57 -2.40
CA HIS A 25 2.79 -6.17 -3.44
C HIS A 25 1.95 -6.39 -4.71
N HIS A 26 2.59 -6.12 -5.87
CA HIS A 26 1.94 -6.02 -7.21
C HIS A 26 1.30 -4.63 -7.43
N CYS A 27 1.49 -3.69 -6.48
CA CYS A 27 1.00 -2.29 -6.60
C CYS A 27 2.03 -1.30 -6.05
N ALA A 28 2.01 -0.07 -6.58
CA ALA A 28 2.84 1.04 -6.08
C ALA A 28 2.16 1.74 -4.89
N LYS A 29 0.82 1.62 -4.82
CA LYS A 29 0.01 2.29 -3.80
C LYS A 29 0.15 1.60 -2.43
N LYS A 30 0.56 2.38 -1.42
CA LYS A 30 0.71 1.90 -0.01
C LYS A 30 -0.17 2.77 0.90
N PHE A 31 -0.63 2.15 2.01
CA PHE A 31 -1.55 2.77 2.96
C PHE A 31 -1.02 2.54 4.39
N ARG A 32 -0.91 3.62 5.18
CA ARG A 32 -0.46 3.54 6.59
C ARG A 32 -1.60 3.09 7.51
N ARG A 33 -2.84 3.11 6.99
CA ARG A 33 -4.02 2.67 7.73
C ARG A 33 -4.42 1.26 7.26
N GLN A 34 -4.79 0.40 8.21
CA GLN A 34 -5.18 -1.00 7.96
C GLN A 34 -6.47 -1.04 7.14
N ALA A 35 -7.45 -0.22 7.57
CA ALA A 35 -8.78 -0.12 6.91
C ALA A 35 -8.68 0.27 5.42
N TYR A 36 -7.75 1.17 5.11
CA TYR A 36 -7.48 1.65 3.76
C TYR A 36 -6.85 0.55 2.88
N LEU A 37 -5.95 -0.24 3.48
CA LEU A 37 -5.25 -1.35 2.79
C LEU A 37 -6.26 -2.49 2.48
N ARG A 38 -7.18 -2.75 3.43
CA ARG A 38 -8.17 -3.85 3.32
C ARG A 38 -9.30 -3.48 2.34
N LYS A 39 -9.58 -2.17 2.23
CA LYS A 39 -10.51 -1.63 1.21
C LYS A 39 -9.90 -1.82 -0.20
N HIS A 40 -8.58 -1.63 -0.26
CA HIS A 40 -7.77 -1.86 -1.46
C HIS A 40 -7.66 -3.38 -1.77
N LEU A 41 -7.65 -4.21 -0.72
CA LEU A 41 -7.60 -5.68 -0.86
C LEU A 41 -8.95 -6.17 -1.45
N LEU A 42 -10.03 -5.47 -1.08
CA LEU A 42 -11.37 -5.68 -1.65
C LEU A 42 -11.44 -5.12 -3.09
N ALA A 43 -10.58 -4.14 -3.41
CA ALA A 43 -10.43 -3.60 -4.77
C ALA A 43 -9.67 -4.61 -5.68
N HIS A 44 -8.99 -5.60 -5.08
CA HIS A 44 -8.45 -6.78 -5.81
C HIS A 44 -9.57 -7.80 -6.10
N HIS A 45 -10.60 -7.83 -5.25
CA HIS A 45 -11.73 -8.76 -5.41
C HIS A 45 -12.59 -8.33 -6.63
N GLN A 46 -12.34 -9.03 -7.76
CA GLN A 46 -12.93 -8.70 -9.07
C GLN A 46 -14.46 -8.86 -9.08
N ALA A 47 -14.95 -9.84 -8.30
CA ALA A 47 -16.38 -10.13 -8.19
C ALA A 47 -17.08 -9.07 -7.30
N LEU A 48 -17.96 -8.25 -7.92
CA LEU A 48 -18.79 -7.27 -7.19
C LEU A 48 -19.94 -7.99 -6.46
N GLN A 49 -20.30 -7.51 -5.27
CA GLN A 49 -21.37 -8.09 -4.45
C GLN A 49 -22.73 -7.85 -5.14
N ALA A 50 -22.97 -6.58 -5.53
CA ALA A 50 -24.16 -6.17 -6.27
C ALA A 50 -23.82 -5.91 -7.74
N LYS A 51 -23.56 -7.02 -8.47
CA LYS A 51 -23.30 -6.98 -9.91
C LYS A 51 -24.64 -7.26 -10.64
N GLY A 1 -22.31 3.99 12.40
CA GLY A 1 -20.91 4.23 12.00
C GLY A 1 -20.78 4.65 10.54
N SER A 2 -20.16 5.82 10.29
CA SER A 2 -19.92 6.35 8.94
C SER A 2 -18.63 7.19 8.94
N ASP A 3 -17.50 6.56 8.56
CA ASP A 3 -16.18 7.23 8.47
C ASP A 3 -16.15 8.20 7.27
N ARG A 4 -15.60 9.40 7.51
CA ARG A 4 -15.45 10.42 6.47
C ARG A 4 -14.24 10.05 5.58
N ASP A 5 -14.48 9.14 4.62
CA ASP A 5 -13.43 8.61 3.72
C ASP A 5 -13.23 9.52 2.48
N THR A 6 -12.79 10.76 2.75
CA THR A 6 -12.38 11.74 1.74
C THR A 6 -10.83 11.80 1.71
N PRO A 7 -10.17 11.43 0.55
CA PRO A 7 -8.69 11.44 0.44
C PRO A 7 -8.09 12.87 0.49
N SER A 8 -7.69 13.28 1.71
CA SER A 8 -7.06 14.57 1.99
C SER A 8 -5.53 14.49 1.74
N PRO A 9 -4.89 15.57 1.16
CA PRO A 9 -3.43 15.61 0.94
C PRO A 9 -2.64 15.61 2.26
N GLY A 10 -2.08 14.44 2.61
CA GLY A 10 -1.33 14.24 3.85
C GLY A 10 -1.57 12.85 4.42
N GLY A 11 -1.62 12.76 5.76
CA GLY A 11 -1.84 11.49 6.46
C GLY A 11 -0.67 10.50 6.30
N VAL A 12 0.54 11.05 6.09
CA VAL A 12 1.79 10.27 5.94
C VAL A 12 2.94 11.01 6.66
N SER A 13 4.07 10.30 6.86
CA SER A 13 5.29 10.92 7.40
C SER A 13 6.13 11.52 6.24
N GLU A 14 6.00 12.84 6.04
CA GLU A 14 6.74 13.58 5.01
C GLU A 14 8.24 13.68 5.38
N SER A 15 8.49 13.83 6.69
CA SER A 15 9.83 13.86 7.30
C SER A 15 9.96 12.63 8.22
N GLY A 16 10.47 11.53 7.64
CA GLY A 16 10.61 10.26 8.35
C GLY A 16 10.47 9.07 7.40
N SER A 17 11.02 7.93 7.82
CA SER A 17 10.96 6.67 7.05
C SER A 17 10.74 5.49 8.01
N GLU A 18 9.52 4.92 7.99
CA GLU A 18 9.09 3.84 8.90
C GLU A 18 8.99 2.50 8.15
N ASP A 19 9.37 1.42 8.86
CA ASP A 19 9.07 0.04 8.45
C ASP A 19 7.66 -0.34 8.96
N GLY A 20 7.14 -1.50 8.51
CA GLY A 20 5.76 -1.92 8.82
C GLY A 20 4.70 -1.13 8.02
N LEU A 21 5.19 -0.33 7.04
CA LEU A 21 4.35 0.42 6.10
C LEU A 21 3.66 -0.55 5.10
N TYR A 22 2.33 -0.39 4.93
CA TYR A 22 1.53 -1.33 4.12
C TYR A 22 1.68 -0.98 2.63
N GLU A 23 2.41 -1.82 1.88
CA GLU A 23 2.46 -1.74 0.41
C GLU A 23 1.99 -3.08 -0.17
N CYS A 24 1.01 -2.99 -1.07
CA CYS A 24 0.37 -4.14 -1.70
C CYS A 24 1.10 -4.54 -2.99
N HIS A 25 1.48 -5.82 -3.11
CA HIS A 25 2.15 -6.36 -4.33
C HIS A 25 1.31 -6.08 -5.60
N HIS A 26 2.01 -5.66 -6.67
CA HIS A 26 1.40 -5.15 -7.94
C HIS A 26 0.81 -3.75 -7.77
N CYS A 27 1.21 -3.03 -6.70
CA CYS A 27 0.82 -1.63 -6.46
C CYS A 27 1.96 -0.89 -5.71
N ALA A 28 2.48 0.20 -6.29
CA ALA A 28 3.56 1.01 -5.66
C ALA A 28 3.02 1.93 -4.55
N LYS A 29 1.68 1.96 -4.41
CA LYS A 29 0.97 2.79 -3.41
C LYS A 29 1.22 2.30 -1.97
N LYS A 30 1.65 3.23 -1.11
CA LYS A 30 1.73 3.00 0.34
C LYS A 30 0.40 3.38 1.01
N PHE A 31 0.07 2.63 2.06
CA PHE A 31 -1.12 2.82 2.89
C PHE A 31 -0.62 2.97 4.34
N ARG A 32 -1.07 4.03 5.01
CA ARG A 32 -0.67 4.34 6.39
C ARG A 32 -1.61 3.63 7.38
N ARG A 33 -2.91 3.57 7.03
CA ARG A 33 -3.92 2.89 7.85
C ARG A 33 -4.29 1.54 7.22
N GLN A 34 -4.69 0.59 8.09
CA GLN A 34 -5.25 -0.71 7.68
C GLN A 34 -6.51 -0.51 6.85
N ALA A 35 -7.41 0.39 7.33
CA ALA A 35 -8.77 0.61 6.75
C ALA A 35 -8.79 0.72 5.21
N TYR A 36 -7.83 1.49 4.68
CA TYR A 36 -7.71 1.75 3.23
C TYR A 36 -7.15 0.52 2.51
N LEU A 37 -6.21 -0.19 3.16
CA LEU A 37 -5.58 -1.42 2.63
C LEU A 37 -6.62 -2.57 2.60
N ARG A 38 -7.53 -2.60 3.61
CA ARG A 38 -8.56 -3.65 3.78
C ARG A 38 -9.60 -3.56 2.64
N LYS A 39 -10.06 -2.33 2.40
CA LYS A 39 -11.02 -1.99 1.33
C LYS A 39 -10.39 -2.27 -0.05
N HIS A 40 -9.09 -1.97 -0.15
CA HIS A 40 -8.28 -2.21 -1.36
C HIS A 40 -8.16 -3.72 -1.67
N LEU A 41 -7.93 -4.50 -0.61
CA LEU A 41 -7.67 -5.95 -0.68
C LEU A 41 -8.97 -6.68 -1.10
N LEU A 42 -10.11 -6.19 -0.59
CA LEU A 42 -11.44 -6.74 -0.91
C LEU A 42 -11.83 -6.35 -2.36
N ALA A 43 -11.54 -5.08 -2.73
CA ALA A 43 -11.89 -4.52 -4.06
C ALA A 43 -10.96 -5.06 -5.17
N HIS A 44 -9.86 -5.74 -4.78
CA HIS A 44 -8.84 -6.28 -5.71
C HIS A 44 -9.40 -7.36 -6.65
N HIS A 45 -10.53 -8.02 -6.26
CA HIS A 45 -11.10 -9.15 -7.01
C HIS A 45 -11.40 -8.78 -8.49
N GLN A 46 -10.62 -9.39 -9.39
CA GLN A 46 -10.69 -9.16 -10.85
C GLN A 46 -11.99 -9.72 -11.44
N ALA A 47 -12.55 -10.75 -10.77
CA ALA A 47 -13.80 -11.40 -11.17
C ALA A 47 -14.58 -11.85 -9.93
N LEU A 48 -15.91 -12.01 -10.11
CA LEU A 48 -16.82 -12.54 -9.08
C LEU A 48 -18.06 -13.07 -9.82
N GLN A 49 -18.38 -14.37 -9.66
CA GLN A 49 -19.62 -14.96 -10.19
C GLN A 49 -20.80 -14.54 -9.29
N ALA A 50 -21.31 -13.32 -9.56
CA ALA A 50 -22.38 -12.68 -8.77
C ALA A 50 -23.72 -12.76 -9.54
N LYS A 51 -24.74 -13.35 -8.90
CA LYS A 51 -26.11 -13.46 -9.47
C LYS A 51 -27.13 -13.09 -8.37
N GLY A 1 19.01 2.17 19.63
CA GLY A 1 20.47 2.29 19.88
C GLY A 1 21.29 1.41 18.95
N SER A 2 22.56 1.20 19.31
CA SER A 2 23.51 0.36 18.55
C SER A 2 24.70 -0.03 19.43
N ASP A 3 25.47 -1.06 19.01
CA ASP A 3 26.62 -1.57 19.76
C ASP A 3 27.89 -0.72 19.53
N ARG A 4 28.91 -0.97 20.38
CA ARG A 4 30.22 -0.30 20.32
C ARG A 4 31.04 -0.73 19.09
N ASP A 5 30.70 -1.90 18.53
CA ASP A 5 31.33 -2.46 17.32
C ASP A 5 30.30 -3.18 16.44
N THR A 6 30.71 -3.50 15.21
CA THR A 6 29.83 -4.13 14.21
C THR A 6 30.05 -5.66 14.18
N PRO A 7 28.96 -6.49 14.11
CA PRO A 7 29.05 -7.96 13.86
C PRO A 7 29.51 -8.27 12.41
N SER A 8 29.74 -9.56 12.13
CA SER A 8 30.21 -10.03 10.82
C SER A 8 28.99 -10.27 9.88
N PRO A 9 28.77 -9.40 8.83
CA PRO A 9 27.70 -9.60 7.82
C PRO A 9 28.13 -10.67 6.79
N GLY A 10 27.49 -11.85 6.87
CA GLY A 10 27.77 -12.96 5.94
C GLY A 10 27.09 -12.74 4.60
N GLY A 11 27.70 -11.89 3.75
CA GLY A 11 27.15 -11.50 2.46
C GLY A 11 25.94 -10.59 2.62
N VAL A 12 24.74 -11.19 2.74
CA VAL A 12 23.48 -10.47 3.00
C VAL A 12 23.29 -10.26 4.51
N SER A 13 22.58 -9.19 4.88
CA SER A 13 22.33 -8.82 6.28
C SER A 13 21.21 -7.76 6.35
N GLU A 14 20.09 -8.10 7.03
CA GLU A 14 18.90 -7.22 7.11
C GLU A 14 18.32 -7.26 8.54
N SER A 15 17.93 -6.09 9.06
CA SER A 15 17.32 -5.95 10.40
C SER A 15 15.77 -5.96 10.33
N GLY A 16 15.22 -5.97 9.11
CA GLY A 16 13.77 -6.01 8.87
C GLY A 16 13.33 -4.88 7.95
N SER A 17 13.23 -5.17 6.64
CA SER A 17 12.86 -4.17 5.62
C SER A 17 11.38 -3.77 5.75
N GLU A 18 11.11 -2.77 6.62
CA GLU A 18 9.76 -2.25 6.90
C GLU A 18 9.85 -0.90 7.64
N ASP A 19 8.76 -0.13 7.58
CA ASP A 19 8.62 1.18 8.28
C ASP A 19 7.22 1.34 8.88
N GLY A 20 6.36 0.31 8.78
CA GLY A 20 5.00 0.35 9.34
C GLY A 20 3.92 0.63 8.30
N LEU A 21 4.33 1.07 7.10
CA LEU A 21 3.40 1.42 6.01
C LEU A 21 3.01 0.16 5.24
N TYR A 22 1.71 -0.16 5.20
CA TYR A 22 1.19 -1.37 4.54
C TYR A 22 1.28 -1.20 3.02
N GLU A 23 2.22 -1.94 2.40
CA GLU A 23 2.43 -1.91 0.96
C GLU A 23 1.71 -3.10 0.31
N CYS A 24 0.83 -2.80 -0.65
CA CYS A 24 0.26 -3.82 -1.54
C CYS A 24 1.33 -4.21 -2.56
N HIS A 25 1.69 -5.51 -2.60
CA HIS A 25 2.86 -5.98 -3.38
C HIS A 25 2.62 -6.01 -4.90
N HIS A 26 1.38 -5.71 -5.33
CA HIS A 26 1.00 -5.63 -6.75
C HIS A 26 0.73 -4.17 -7.19
N CYS A 27 1.04 -3.19 -6.31
CA CYS A 27 0.80 -1.76 -6.58
C CYS A 27 1.84 -0.89 -5.82
N ALA A 28 2.20 0.27 -6.39
CA ALA A 28 3.16 1.19 -5.74
C ALA A 28 2.51 2.00 -4.59
N LYS A 29 1.16 2.05 -4.58
CA LYS A 29 0.41 2.73 -3.51
C LYS A 29 0.51 1.98 -2.17
N LYS A 30 1.13 2.67 -1.20
CA LYS A 30 1.29 2.19 0.19
C LYS A 30 0.31 2.97 1.09
N PHE A 31 -0.49 2.25 1.88
CA PHE A 31 -1.53 2.84 2.74
C PHE A 31 -1.05 2.77 4.21
N ARG A 32 -1.12 3.92 4.89
CA ARG A 32 -0.64 4.07 6.28
C ARG A 32 -1.57 3.31 7.25
N ARG A 33 -2.88 3.35 6.96
CA ARG A 33 -3.91 2.67 7.78
C ARG A 33 -4.36 1.41 7.05
N GLN A 34 -4.43 0.30 7.83
CA GLN A 34 -4.80 -1.03 7.35
C GLN A 34 -6.26 -1.07 6.86
N ALA A 35 -7.07 -0.10 7.35
CA ALA A 35 -8.45 0.11 6.92
C ALA A 35 -8.53 0.38 5.41
N TYR A 36 -7.62 1.25 4.94
CA TYR A 36 -7.55 1.68 3.53
C TYR A 36 -6.95 0.57 2.65
N LEU A 37 -5.97 -0.16 3.22
CA LEU A 37 -5.34 -1.33 2.56
C LEU A 37 -6.39 -2.45 2.40
N ARG A 38 -7.27 -2.58 3.40
CA ARG A 38 -8.34 -3.60 3.44
C ARG A 38 -9.39 -3.34 2.35
N LYS A 39 -9.76 -2.06 2.18
CA LYS A 39 -10.66 -1.61 1.12
C LYS A 39 -10.04 -1.84 -0.26
N HIS A 40 -8.72 -1.60 -0.33
CA HIS A 40 -7.92 -1.79 -1.54
C HIS A 40 -7.77 -3.29 -1.90
N LEU A 41 -7.67 -4.13 -0.86
CA LEU A 41 -7.55 -5.59 -1.01
C LEU A 41 -8.92 -6.15 -1.45
N LEU A 42 -10.00 -5.54 -0.91
CA LEU A 42 -11.39 -5.85 -1.29
C LEU A 42 -11.61 -5.54 -2.79
N ALA A 43 -10.95 -4.48 -3.27
CA ALA A 43 -10.97 -4.09 -4.70
C ALA A 43 -10.34 -5.19 -5.58
N HIS A 44 -9.22 -5.80 -5.09
CA HIS A 44 -8.54 -6.93 -5.80
C HIS A 44 -9.41 -8.19 -5.92
N HIS A 45 -10.47 -8.32 -5.09
CA HIS A 45 -11.46 -9.41 -5.23
C HIS A 45 -12.31 -9.19 -6.51
N GLN A 46 -12.26 -10.18 -7.42
CA GLN A 46 -12.87 -10.09 -8.77
C GLN A 46 -14.41 -10.11 -8.70
N ALA A 47 -14.96 -10.64 -7.61
CA ALA A 47 -16.40 -10.59 -7.35
C ALA A 47 -16.78 -9.21 -6.79
N LEU A 48 -16.97 -8.24 -7.70
CA LEU A 48 -17.20 -6.82 -7.36
C LEU A 48 -18.52 -6.30 -7.97
N GLN A 49 -18.87 -5.05 -7.62
CA GLN A 49 -20.04 -4.36 -8.15
C GLN A 49 -19.73 -3.83 -9.58
N ALA A 50 -20.32 -4.49 -10.60
CA ALA A 50 -20.12 -4.13 -12.01
C ALA A 50 -21.24 -3.16 -12.49
N LYS A 51 -20.91 -1.86 -12.58
CA LYS A 51 -21.85 -0.80 -13.04
C LYS A 51 -21.16 0.06 -14.14
N GLY A 1 -3.58 1.05 -27.65
CA GLY A 1 -2.67 1.23 -26.49
C GLY A 1 -2.36 2.68 -26.19
N SER A 2 -1.32 2.91 -25.35
CA SER A 2 -0.89 4.26 -24.94
C SER A 2 0.54 4.20 -24.37
N ASP A 3 1.09 5.37 -23.98
CA ASP A 3 2.37 5.46 -23.24
C ASP A 3 2.15 5.01 -21.78
N ARG A 4 3.01 4.09 -21.31
CA ARG A 4 3.07 3.69 -19.89
C ARG A 4 4.22 4.46 -19.21
N ASP A 5 3.94 5.00 -18.02
CA ASP A 5 4.92 5.70 -17.18
C ASP A 5 5.50 4.74 -16.13
N THR A 6 6.51 5.20 -15.38
CA THR A 6 7.15 4.42 -14.30
C THR A 6 6.13 4.17 -13.15
N PRO A 7 6.11 2.93 -12.51
CA PRO A 7 5.15 2.61 -11.41
C PRO A 7 5.34 3.54 -10.20
N SER A 8 6.60 3.92 -9.96
CA SER A 8 7.02 4.87 -8.91
C SER A 8 6.65 4.39 -7.48
N PRO A 9 7.41 3.41 -6.91
CA PRO A 9 7.29 3.04 -5.47
C PRO A 9 8.22 3.90 -4.59
N GLY A 10 8.43 5.16 -5.03
CA GLY A 10 9.33 6.10 -4.37
C GLY A 10 10.79 5.68 -4.46
N GLY A 11 11.42 5.44 -3.30
CA GLY A 11 12.81 5.00 -3.23
C GLY A 11 12.93 3.73 -2.38
N VAL A 12 13.42 2.64 -3.01
CA VAL A 12 13.72 1.37 -2.31
C VAL A 12 14.84 1.61 -1.29
N SER A 13 14.54 1.34 -0.02
CA SER A 13 15.42 1.66 1.11
C SER A 13 15.11 0.75 2.30
N GLU A 14 16.12 0.58 3.18
CA GLU A 14 16.06 -0.30 4.34
C GLU A 14 15.43 0.45 5.53
N SER A 15 14.09 0.54 5.54
CA SER A 15 13.32 1.25 6.57
C SER A 15 13.12 0.35 7.81
N GLY A 16 14.23 0.17 8.56
CA GLY A 16 14.26 -0.78 9.68
C GLY A 16 14.14 -2.22 9.21
N SER A 17 12.89 -2.66 9.07
CA SER A 17 12.50 -3.92 8.44
C SER A 17 10.99 -3.87 8.23
N GLU A 18 10.23 -3.95 9.34
CA GLU A 18 8.78 -3.72 9.36
C GLU A 18 8.52 -2.23 9.61
N ASP A 19 8.14 -1.52 8.55
CA ASP A 19 7.86 -0.07 8.62
C ASP A 19 6.58 0.18 9.43
N GLY A 20 5.57 -0.68 9.21
CA GLY A 20 4.30 -0.63 9.93
C GLY A 20 3.16 -0.04 9.10
N LEU A 21 3.50 0.62 7.98
CA LEU A 21 2.51 1.04 6.97
C LEU A 21 2.35 -0.09 5.95
N TYR A 22 1.14 -0.21 5.41
CA TYR A 22 0.74 -1.37 4.62
C TYR A 22 0.88 -1.08 3.10
N GLU A 23 1.92 -1.65 2.49
CA GLU A 23 2.14 -1.61 1.03
C GLU A 23 1.60 -2.90 0.41
N CYS A 24 0.86 -2.77 -0.69
CA CYS A 24 0.30 -3.92 -1.41
C CYS A 24 1.24 -4.31 -2.54
N HIS A 25 1.66 -5.60 -2.59
CA HIS A 25 2.50 -6.10 -3.68
C HIS A 25 1.73 -6.10 -5.02
N HIS A 26 2.45 -5.75 -6.10
CA HIS A 26 1.92 -5.50 -7.45
C HIS A 26 1.20 -4.12 -7.53
N CYS A 27 1.41 -3.27 -6.50
CA CYS A 27 0.93 -1.89 -6.48
C CYS A 27 1.98 -0.99 -5.80
N ALA A 28 2.29 0.16 -6.41
CA ALA A 28 3.23 1.15 -5.84
C ALA A 28 2.60 1.90 -4.64
N LYS A 29 1.25 1.90 -4.60
CA LYS A 29 0.47 2.54 -3.53
C LYS A 29 0.74 1.91 -2.15
N LYS A 30 1.34 2.74 -1.29
CA LYS A 30 1.58 2.42 0.12
C LYS A 30 0.49 3.12 0.95
N PHE A 31 -0.22 2.36 1.77
CA PHE A 31 -1.42 2.83 2.49
C PHE A 31 -1.07 3.10 3.97
N ARG A 32 -1.55 4.25 4.47
CA ARG A 32 -1.12 4.83 5.75
C ARG A 32 -1.81 4.16 6.96
N ARG A 33 -2.78 3.27 6.69
CA ARG A 33 -3.54 2.52 7.72
C ARG A 33 -4.11 1.21 7.11
N GLN A 34 -4.50 0.28 7.99
CA GLN A 34 -4.96 -1.07 7.58
C GLN A 34 -6.32 -0.97 6.87
N ALA A 35 -7.17 -0.03 7.32
CA ALA A 35 -8.52 0.23 6.73
C ALA A 35 -8.44 0.56 5.23
N TYR A 36 -7.40 1.33 4.89
CA TYR A 36 -7.12 1.78 3.52
C TYR A 36 -6.65 0.59 2.66
N LEU A 37 -5.78 -0.25 3.24
CA LEU A 37 -5.26 -1.47 2.59
C LEU A 37 -6.37 -2.53 2.44
N ARG A 38 -7.26 -2.63 3.44
CA ARG A 38 -8.28 -3.71 3.49
C ARG A 38 -9.37 -3.49 2.45
N LYS A 39 -9.75 -2.21 2.26
CA LYS A 39 -10.69 -1.80 1.19
C LYS A 39 -10.06 -2.03 -0.18
N HIS A 40 -8.75 -1.79 -0.27
CA HIS A 40 -7.95 -2.00 -1.48
C HIS A 40 -7.83 -3.51 -1.82
N LEU A 41 -7.68 -4.34 -0.78
CA LEU A 41 -7.51 -5.80 -0.90
C LEU A 41 -8.87 -6.44 -1.27
N LEU A 42 -9.92 -5.83 -0.74
CA LEU A 42 -11.32 -6.14 -1.09
C LEU A 42 -11.60 -5.73 -2.56
N ALA A 43 -10.99 -4.61 -2.99
CA ALA A 43 -11.12 -4.08 -4.36
C ALA A 43 -10.34 -4.92 -5.40
N HIS A 44 -9.40 -5.77 -4.91
CA HIS A 44 -8.68 -6.77 -5.76
C HIS A 44 -9.58 -7.95 -6.21
N HIS A 45 -10.89 -7.92 -5.82
CA HIS A 45 -11.87 -8.97 -6.19
C HIS A 45 -11.88 -9.29 -7.71
N GLN A 46 -11.97 -10.60 -8.02
CA GLN A 46 -11.92 -11.12 -9.40
C GLN A 46 -13.21 -10.78 -10.19
N ALA A 47 -14.33 -10.67 -9.46
CA ALA A 47 -15.60 -10.17 -10.00
C ALA A 47 -15.54 -8.63 -10.04
N LEU A 48 -14.97 -8.13 -11.14
CA LEU A 48 -14.70 -6.70 -11.37
C LEU A 48 -14.81 -6.46 -12.88
N GLN A 49 -15.98 -5.99 -13.33
CA GLN A 49 -16.26 -5.82 -14.78
C GLN A 49 -15.63 -4.52 -15.34
N ALA A 50 -15.25 -3.60 -14.44
CA ALA A 50 -14.76 -2.24 -14.76
C ALA A 50 -15.85 -1.44 -15.50
N LYS A 51 -16.84 -0.97 -14.71
CA LYS A 51 -18.01 -0.24 -15.23
C LYS A 51 -17.77 1.29 -15.09
N GLY A 1 14.43 -26.87 -17.68
CA GLY A 1 14.41 -25.77 -16.70
C GLY A 1 15.45 -25.93 -15.61
N SER A 2 16.74 -25.82 -16.00
CA SER A 2 17.89 -25.85 -15.07
C SER A 2 18.32 -24.43 -14.66
N ASP A 3 17.56 -23.42 -15.14
CA ASP A 3 17.90 -21.99 -15.03
C ASP A 3 18.03 -21.54 -13.56
N ARG A 4 19.29 -21.35 -13.10
CA ARG A 4 19.59 -20.93 -11.72
C ARG A 4 19.32 -19.42 -11.56
N ASP A 5 18.15 -19.11 -10.99
CA ASP A 5 17.75 -17.73 -10.68
C ASP A 5 18.53 -17.23 -9.45
N THR A 6 19.43 -16.25 -9.67
CA THR A 6 20.25 -15.67 -8.60
C THR A 6 19.41 -14.69 -7.72
N PRO A 7 19.19 -15.01 -6.40
CA PRO A 7 18.37 -14.16 -5.49
C PRO A 7 19.19 -13.02 -4.82
N SER A 8 20.35 -12.68 -5.40
CA SER A 8 21.22 -11.59 -4.92
C SER A 8 20.45 -10.24 -4.89
N PRO A 9 20.15 -9.68 -3.67
CA PRO A 9 19.23 -8.52 -3.53
C PRO A 9 19.84 -7.20 -4.08
N GLY A 10 19.21 -6.66 -5.13
CA GLY A 10 19.64 -5.41 -5.77
C GLY A 10 18.85 -4.20 -5.28
N GLY A 11 19.54 -3.08 -5.04
CA GLY A 11 18.92 -1.86 -4.50
C GLY A 11 18.66 -0.82 -5.59
N VAL A 12 17.37 -0.63 -5.95
CA VAL A 12 16.93 0.40 -6.92
C VAL A 12 15.83 1.31 -6.30
N SER A 13 16.29 2.49 -5.82
CA SER A 13 15.46 3.57 -5.23
C SER A 13 14.42 3.08 -4.19
N GLU A 14 14.89 2.87 -2.97
CA GLU A 14 14.02 2.56 -1.81
C GLU A 14 14.17 3.70 -0.78
N SER A 15 13.17 4.60 -0.75
CA SER A 15 13.19 5.82 0.10
C SER A 15 13.04 5.46 1.59
N GLY A 16 14.19 5.25 2.24
CA GLY A 16 14.26 4.95 3.67
C GLY A 16 13.98 3.49 4.00
N SER A 17 14.10 3.14 5.29
CA SER A 17 13.80 1.80 5.80
C SER A 17 12.44 1.80 6.55
N GLU A 18 11.58 2.77 6.17
CA GLU A 18 10.34 3.11 6.88
C GLU A 18 9.35 1.91 6.96
N ASP A 19 9.17 1.38 8.19
CA ASP A 19 8.18 0.33 8.49
C ASP A 19 6.88 0.97 8.98
N GLY A 20 5.86 0.13 9.22
CA GLY A 20 4.53 0.61 9.60
C GLY A 20 3.69 1.01 8.39
N LEU A 21 4.28 0.90 7.19
CA LEU A 21 3.63 1.22 5.91
C LEU A 21 3.11 -0.07 5.27
N TYR A 22 1.79 -0.18 5.13
CA TYR A 22 1.15 -1.32 4.46
C TYR A 22 1.35 -1.19 2.94
N GLU A 23 2.26 -2.02 2.41
CA GLU A 23 2.59 -2.02 0.98
C GLU A 23 1.76 -3.07 0.25
N CYS A 24 0.94 -2.62 -0.70
CA CYS A 24 0.30 -3.51 -1.66
C CYS A 24 1.39 -3.99 -2.63
N HIS A 25 1.79 -5.26 -2.48
CA HIS A 25 2.94 -5.83 -3.19
C HIS A 25 2.63 -6.09 -4.69
N HIS A 26 1.34 -5.96 -5.06
CA HIS A 26 0.89 -6.14 -6.45
C HIS A 26 0.76 -4.78 -7.20
N CYS A 27 0.67 -3.65 -6.45
CA CYS A 27 0.65 -2.30 -7.06
C CYS A 27 1.04 -1.23 -6.01
N ALA A 28 1.85 -0.24 -6.43
CA ALA A 28 2.55 0.72 -5.55
C ALA A 28 1.65 1.58 -4.61
N LYS A 29 0.31 1.46 -4.71
CA LYS A 29 -0.63 2.12 -3.76
C LYS A 29 -0.41 1.58 -2.32
N LYS A 30 0.40 2.32 -1.55
CA LYS A 30 0.74 2.02 -0.15
C LYS A 30 -0.06 2.93 0.79
N PHE A 31 -0.33 2.43 2.01
CA PHE A 31 -1.18 3.11 3.00
C PHE A 31 -0.53 3.03 4.39
N ARG A 32 -0.78 4.05 5.23
CA ARG A 32 -0.33 4.05 6.63
C ARG A 32 -1.35 3.31 7.53
N ARG A 33 -2.63 3.40 7.13
CA ARG A 33 -3.74 2.81 7.89
C ARG A 33 -4.23 1.52 7.21
N GLN A 34 -4.48 0.48 8.04
CA GLN A 34 -4.83 -0.87 7.58
C GLN A 34 -6.23 -0.91 6.95
N ALA A 35 -7.15 -0.05 7.44
CA ALA A 35 -8.54 0.05 6.92
C ALA A 35 -8.55 0.47 5.43
N TYR A 36 -7.69 1.44 5.09
CA TYR A 36 -7.50 1.92 3.71
C TYR A 36 -6.98 0.77 2.81
N LEU A 37 -5.96 0.05 3.33
CA LEU A 37 -5.34 -1.09 2.63
C LEU A 37 -6.32 -2.28 2.54
N ARG A 38 -7.24 -2.39 3.52
CA ARG A 38 -8.16 -3.54 3.62
C ARG A 38 -9.23 -3.47 2.51
N LYS A 39 -9.82 -2.26 2.34
CA LYS A 39 -10.75 -1.96 1.22
C LYS A 39 -10.02 -2.12 -0.13
N HIS A 40 -8.71 -1.80 -0.13
CA HIS A 40 -7.84 -1.92 -1.29
C HIS A 40 -7.60 -3.42 -1.68
N LEU A 41 -7.62 -4.31 -0.66
CA LEU A 41 -7.56 -5.78 -0.87
C LEU A 41 -8.86 -6.27 -1.55
N LEU A 42 -9.99 -5.68 -1.13
CA LEU A 42 -11.31 -5.95 -1.71
C LEU A 42 -11.47 -5.27 -3.10
N ALA A 43 -10.60 -4.28 -3.40
CA ALA A 43 -10.50 -3.68 -4.74
C ALA A 43 -9.77 -4.64 -5.70
N HIS A 44 -8.82 -5.42 -5.13
CA HIS A 44 -8.07 -6.48 -5.85
C HIS A 44 -8.82 -7.84 -5.83
N HIS A 45 -10.14 -7.82 -5.53
CA HIS A 45 -11.00 -9.02 -5.64
C HIS A 45 -10.87 -9.67 -7.06
N GLN A 46 -10.32 -10.89 -7.08
CA GLN A 46 -10.00 -11.65 -8.33
C GLN A 46 -11.24 -11.81 -9.25
N ALA A 47 -12.42 -11.93 -8.64
CA ALA A 47 -13.70 -11.95 -9.35
C ALA A 47 -14.21 -10.50 -9.54
N LEU A 48 -14.39 -10.07 -10.81
CA LEU A 48 -14.95 -8.75 -11.13
C LEU A 48 -16.44 -8.72 -10.72
N GLN A 49 -16.76 -7.80 -9.79
CA GLN A 49 -18.13 -7.57 -9.31
C GLN A 49 -18.51 -6.13 -9.70
N ALA A 50 -19.75 -5.95 -10.21
CA ALA A 50 -20.24 -4.64 -10.69
C ALA A 50 -21.77 -4.54 -10.52
N LYS A 51 -22.27 -3.30 -10.40
CA LYS A 51 -23.70 -3.00 -10.17
C LYS A 51 -24.39 -2.57 -11.49
N GLY A 1 30.91 19.12 21.61
CA GLY A 1 30.57 17.68 21.65
C GLY A 1 30.66 17.12 23.06
N SER A 2 29.51 16.85 23.68
CA SER A 2 29.41 16.31 25.07
C SER A 2 28.37 15.18 25.12
N ASP A 3 28.11 14.58 23.95
CA ASP A 3 27.00 13.66 23.73
C ASP A 3 27.26 12.30 24.38
N ARG A 4 26.59 12.06 25.52
CA ARG A 4 26.66 10.79 26.27
C ARG A 4 25.41 9.96 26.00
N ASP A 5 25.61 8.67 25.66
CA ASP A 5 24.53 7.71 25.40
C ASP A 5 25.09 6.29 25.49
N THR A 6 24.21 5.32 25.73
CA THR A 6 24.57 3.89 25.82
C THR A 6 23.68 3.08 24.84
N PRO A 7 24.15 1.90 24.31
CA PRO A 7 23.38 1.09 23.33
C PRO A 7 22.06 0.54 23.93
N SER A 8 20.94 0.91 23.31
CA SER A 8 19.59 0.47 23.71
C SER A 8 19.35 -1.02 23.32
N PRO A 9 18.57 -1.80 24.15
CA PRO A 9 18.22 -3.21 23.82
C PRO A 9 17.23 -3.31 22.65
N GLY A 10 17.04 -4.53 22.13
CA GLY A 10 16.14 -4.81 21.00
C GLY A 10 15.20 -5.98 21.27
N GLY A 11 14.98 -6.29 22.56
CA GLY A 11 14.14 -7.42 22.97
C GLY A 11 12.67 -7.02 23.14
N VAL A 12 12.08 -6.41 22.09
CA VAL A 12 10.68 -5.95 22.08
C VAL A 12 9.85 -6.80 21.09
N SER A 13 8.63 -7.18 21.52
CA SER A 13 7.69 -8.01 20.74
C SER A 13 6.54 -7.14 20.21
N GLU A 14 6.35 -7.14 18.88
CA GLU A 14 5.27 -6.42 18.17
C GLU A 14 5.37 -4.89 18.38
N SER A 15 6.58 -4.42 18.65
CA SER A 15 6.88 -3.01 18.93
C SER A 15 7.91 -2.49 17.92
N GLY A 16 9.06 -3.21 17.81
CA GLY A 16 10.18 -2.83 16.93
C GLY A 16 9.80 -2.95 15.46
N SER A 17 9.42 -1.80 14.86
CA SER A 17 9.00 -1.70 13.45
C SER A 17 9.76 -0.55 12.77
N GLU A 18 10.39 -0.85 11.61
CA GLU A 18 11.20 0.11 10.86
C GLU A 18 10.31 1.06 10.04
N ASP A 19 9.71 0.54 8.96
CA ASP A 19 8.85 1.33 8.04
C ASP A 19 7.45 1.54 8.65
N GLY A 20 6.89 0.45 9.24
CA GLY A 20 5.52 0.46 9.80
C GLY A 20 4.42 0.69 8.74
N LEU A 21 4.83 0.63 7.46
CA LEU A 21 4.02 1.00 6.31
C LEU A 21 3.44 -0.25 5.64
N TYR A 22 2.22 -0.12 5.09
CA TYR A 22 1.55 -1.20 4.35
C TYR A 22 1.56 -0.84 2.86
N GLU A 23 2.41 -1.51 2.07
CA GLU A 23 2.39 -1.37 0.61
C GLU A 23 1.90 -2.70 0.01
N CYS A 24 0.99 -2.59 -0.95
CA CYS A 24 0.46 -3.74 -1.68
C CYS A 24 1.54 -4.32 -2.62
N HIS A 25 1.61 -5.66 -2.71
CA HIS A 25 2.69 -6.35 -3.46
C HIS A 25 2.63 -6.05 -4.97
N HIS A 26 1.41 -5.84 -5.50
CA HIS A 26 1.20 -5.61 -6.94
C HIS A 26 0.73 -4.16 -7.23
N CYS A 27 1.00 -3.23 -6.27
CA CYS A 27 0.72 -1.78 -6.46
C CYS A 27 1.66 -0.96 -5.57
N ALA A 28 2.40 0.00 -6.15
CA ALA A 28 3.33 0.89 -5.43
C ALA A 28 2.57 1.89 -4.52
N LYS A 29 1.21 1.88 -4.62
CA LYS A 29 0.33 2.63 -3.72
C LYS A 29 0.61 2.22 -2.26
N LYS A 30 1.01 3.20 -1.45
CA LYS A 30 1.36 3.02 -0.04
C LYS A 30 0.19 3.42 0.85
N PHE A 31 -0.01 2.65 1.94
CA PHE A 31 -1.13 2.83 2.88
C PHE A 31 -0.54 2.88 4.30
N ARG A 32 -0.83 3.95 5.03
CA ARG A 32 -0.44 4.09 6.45
C ARG A 32 -1.58 3.65 7.38
N ARG A 33 -2.80 3.50 6.79
CA ARG A 33 -4.00 3.02 7.49
C ARG A 33 -4.39 1.62 6.98
N GLN A 34 -4.68 0.70 7.93
CA GLN A 34 -5.16 -0.66 7.66
C GLN A 34 -6.54 -0.66 6.98
N ALA A 35 -7.36 0.37 7.31
CA ALA A 35 -8.72 0.53 6.75
C ALA A 35 -8.71 0.57 5.22
N TYR A 36 -7.83 1.43 4.67
CA TYR A 36 -7.68 1.64 3.23
C TYR A 36 -7.09 0.38 2.56
N LEU A 37 -6.16 -0.30 3.28
CA LEU A 37 -5.48 -1.52 2.81
C LEU A 37 -6.49 -2.67 2.64
N ARG A 38 -7.37 -2.84 3.63
CA ARG A 38 -8.37 -3.94 3.66
C ARG A 38 -9.41 -3.76 2.54
N LYS A 39 -9.86 -2.50 2.34
CA LYS A 39 -10.82 -2.16 1.28
C LYS A 39 -10.15 -2.27 -0.11
N HIS A 40 -8.81 -2.13 -0.14
CA HIS A 40 -8.01 -2.32 -1.36
C HIS A 40 -7.90 -3.83 -1.70
N LEU A 41 -7.84 -4.67 -0.64
CA LEU A 41 -7.86 -6.16 -0.77
C LEU A 41 -9.22 -6.60 -1.36
N LEU A 42 -10.30 -5.96 -0.86
CA LEU A 42 -11.68 -6.18 -1.34
C LEU A 42 -11.79 -5.76 -2.82
N ALA A 43 -11.15 -4.62 -3.16
CA ALA A 43 -11.15 -4.06 -4.53
C ALA A 43 -10.37 -4.96 -5.51
N HIS A 44 -9.42 -5.77 -4.98
CA HIS A 44 -8.63 -6.75 -5.75
C HIS A 44 -9.48 -7.95 -6.24
N HIS A 45 -10.78 -8.01 -5.86
CA HIS A 45 -11.68 -9.06 -6.33
C HIS A 45 -11.81 -9.00 -7.88
N GLN A 46 -11.41 -10.09 -8.54
CA GLN A 46 -11.40 -10.17 -10.01
C GLN A 46 -12.83 -10.32 -10.55
N ALA A 47 -13.69 -10.98 -9.75
CA ALA A 47 -15.12 -11.22 -10.07
C ALA A 47 -15.28 -12.00 -11.39
N LEU A 48 -14.30 -12.89 -11.67
CA LEU A 48 -14.24 -13.64 -12.94
C LEU A 48 -15.22 -14.82 -12.93
N GLN A 49 -16.44 -14.55 -13.39
CA GLN A 49 -17.40 -15.60 -13.74
C GLN A 49 -17.13 -16.00 -15.20
N ALA A 50 -16.60 -17.21 -15.41
CA ALA A 50 -16.32 -17.76 -16.75
C ALA A 50 -17.62 -18.36 -17.34
N LYS A 51 -18.09 -17.80 -18.47
CA LYS A 51 -19.34 -18.24 -19.12
C LYS A 51 -19.15 -19.57 -19.90
N GLY A 1 -14.22 5.91 -24.49
CA GLY A 1 -13.78 6.71 -23.33
C GLY A 1 -12.27 6.87 -23.28
N SER A 2 -11.80 7.97 -22.64
CA SER A 2 -10.36 8.25 -22.46
C SER A 2 -9.73 7.28 -21.44
N ASP A 3 -10.53 6.87 -20.45
CA ASP A 3 -10.08 5.96 -19.39
C ASP A 3 -9.95 4.54 -19.94
N ARG A 4 -8.71 4.14 -20.22
CA ARG A 4 -8.31 2.75 -20.45
C ARG A 4 -7.65 2.23 -19.18
N ASP A 5 -6.81 3.11 -18.62
CA ASP A 5 -6.04 2.88 -17.39
C ASP A 5 -5.46 4.23 -16.94
N THR A 6 -5.04 4.33 -15.66
CA THR A 6 -4.34 5.52 -15.13
C THR A 6 -3.03 5.79 -15.93
N PRO A 7 -2.69 7.08 -16.25
CA PRO A 7 -1.40 7.43 -16.91
C PRO A 7 -0.18 6.97 -16.08
N SER A 8 -0.38 6.87 -14.74
CA SER A 8 0.58 6.33 -13.76
C SER A 8 1.85 7.21 -13.63
N PRO A 9 2.02 7.93 -12.48
CA PRO A 9 3.28 8.68 -12.19
C PRO A 9 4.43 7.75 -11.74
N GLY A 10 4.11 6.44 -11.56
CA GLY A 10 5.07 5.42 -11.12
C GLY A 10 5.05 5.25 -9.61
N GLY A 11 5.11 6.39 -8.92
CA GLY A 11 5.03 6.44 -7.47
C GLY A 11 5.96 7.49 -6.91
N VAL A 12 6.68 7.12 -5.84
CA VAL A 12 7.65 7.99 -5.18
C VAL A 12 8.67 7.11 -4.42
N SER A 13 9.95 7.51 -4.41
CA SER A 13 11.00 6.82 -3.64
C SER A 13 10.84 7.17 -2.15
N GLU A 14 9.95 6.41 -1.49
CA GLU A 14 9.63 6.56 -0.06
C GLU A 14 10.20 5.33 0.67
N SER A 15 10.91 5.54 1.79
CA SER A 15 11.51 4.45 2.57
C SER A 15 11.02 4.53 4.03
N GLY A 16 9.97 3.75 4.33
CA GLY A 16 9.43 3.62 5.67
C GLY A 16 9.57 2.20 6.19
N SER A 17 10.75 1.87 6.73
CA SER A 17 11.10 0.49 7.17
C SER A 17 10.91 0.33 8.70
N GLU A 18 10.19 1.28 9.36
CA GLU A 18 9.83 1.14 10.79
C GLU A 18 8.64 0.15 10.92
N ASP A 19 7.40 0.65 10.78
CA ASP A 19 6.16 -0.15 10.81
C ASP A 19 4.96 0.77 10.53
N GLY A 20 3.79 0.16 10.25
CA GLY A 20 2.57 0.88 9.92
C GLY A 20 2.43 1.19 8.43
N LEU A 21 3.52 1.00 7.66
CA LEU A 21 3.50 1.15 6.20
C LEU A 21 3.05 -0.19 5.61
N TYR A 22 1.89 -0.20 4.96
CA TYR A 22 1.34 -1.39 4.30
C TYR A 22 1.49 -1.23 2.78
N GLU A 23 2.40 -2.02 2.19
CA GLU A 23 2.65 -2.04 0.75
C GLU A 23 1.81 -3.15 0.09
N CYS A 24 1.27 -2.85 -1.10
CA CYS A 24 0.60 -3.85 -1.93
C CYS A 24 1.62 -4.41 -2.93
N HIS A 25 1.71 -5.74 -3.02
CA HIS A 25 2.77 -6.42 -3.82
C HIS A 25 2.49 -6.42 -5.33
N HIS A 26 1.47 -5.65 -5.78
CA HIS A 26 1.20 -5.40 -7.22
C HIS A 26 0.75 -3.95 -7.46
N CYS A 27 0.98 -3.07 -6.47
CA CYS A 27 0.73 -1.62 -6.61
C CYS A 27 1.65 -0.87 -5.65
N ALA A 28 2.43 0.11 -6.17
CA ALA A 28 3.33 0.97 -5.36
C ALA A 28 2.56 1.94 -4.42
N LYS A 29 1.21 1.94 -4.53
CA LYS A 29 0.32 2.63 -3.57
C LYS A 29 0.49 2.07 -2.16
N LYS A 30 1.05 2.93 -1.27
CA LYS A 30 1.27 2.61 0.16
C LYS A 30 0.11 3.17 0.98
N PHE A 31 -0.45 2.33 1.86
CA PHE A 31 -1.50 2.77 2.81
C PHE A 31 -0.90 2.68 4.22
N ARG A 32 -0.95 3.79 4.97
CA ARG A 32 -0.42 3.86 6.35
C ARG A 32 -1.46 3.36 7.35
N ARG A 33 -2.70 3.17 6.87
CA ARG A 33 -3.82 2.70 7.70
C ARG A 33 -4.30 1.30 7.23
N GLN A 34 -4.91 0.56 8.17
CA GLN A 34 -5.31 -0.85 7.96
C GLN A 34 -6.58 -0.92 7.11
N ALA A 35 -7.53 0.00 7.38
CA ALA A 35 -8.83 0.06 6.70
C ALA A 35 -8.70 0.30 5.19
N TYR A 36 -7.73 1.15 4.82
CA TYR A 36 -7.51 1.57 3.42
C TYR A 36 -6.76 0.49 2.62
N LEU A 37 -5.92 -0.31 3.30
CA LEU A 37 -5.27 -1.49 2.68
C LEU A 37 -6.33 -2.58 2.46
N ARG A 38 -7.20 -2.77 3.48
CA ARG A 38 -8.30 -3.75 3.45
C ARG A 38 -9.29 -3.44 2.33
N LYS A 39 -9.61 -2.15 2.15
CA LYS A 39 -10.55 -1.67 1.13
C LYS A 39 -9.96 -1.87 -0.28
N HIS A 40 -8.65 -1.61 -0.38
CA HIS A 40 -7.87 -1.83 -1.60
C HIS A 40 -7.80 -3.33 -1.96
N LEU A 41 -7.66 -4.16 -0.92
CA LEU A 41 -7.56 -5.63 -1.04
C LEU A 41 -8.93 -6.22 -1.41
N LEU A 42 -9.99 -5.56 -0.92
CA LEU A 42 -11.39 -5.88 -1.23
C LEU A 42 -11.71 -5.52 -2.68
N ALA A 43 -11.04 -4.47 -3.19
CA ALA A 43 -11.14 -4.02 -4.59
C ALA A 43 -10.35 -4.97 -5.53
N HIS A 44 -9.41 -5.76 -4.98
CA HIS A 44 -8.71 -6.82 -5.74
C HIS A 44 -9.54 -8.12 -5.85
N HIS A 45 -10.77 -8.13 -5.30
CA HIS A 45 -11.67 -9.31 -5.39
C HIS A 45 -12.27 -9.44 -6.80
N GLN A 46 -12.02 -10.60 -7.43
CA GLN A 46 -12.55 -10.94 -8.77
C GLN A 46 -14.03 -11.39 -8.67
N ALA A 47 -14.47 -11.70 -7.44
CA ALA A 47 -15.88 -11.99 -7.12
C ALA A 47 -16.66 -10.69 -6.74
N LEU A 48 -15.98 -9.54 -6.87
CA LEU A 48 -16.57 -8.19 -6.69
C LEU A 48 -16.34 -7.40 -7.99
N GLN A 49 -17.36 -6.62 -8.42
CA GLN A 49 -17.25 -5.78 -9.63
C GLN A 49 -16.31 -4.58 -9.34
N ALA A 50 -15.02 -4.82 -9.57
CA ALA A 50 -13.94 -3.85 -9.30
C ALA A 50 -13.85 -2.79 -10.41
N LYS A 51 -12.97 -1.81 -10.19
CA LYS A 51 -12.73 -0.70 -11.14
C LYS A 51 -11.89 -1.20 -12.33
N GLY A 1 39.34 -3.48 19.26
CA GLY A 1 38.43 -4.60 19.56
C GLY A 1 37.99 -5.33 18.30
N SER A 2 36.76 -5.87 18.30
CA SER A 2 36.16 -6.58 17.16
C SER A 2 35.57 -5.57 16.15
N ASP A 3 36.47 -4.81 15.51
CA ASP A 3 36.12 -3.78 14.52
C ASP A 3 36.28 -4.37 13.10
N ARG A 4 35.16 -4.67 12.41
CA ARG A 4 35.18 -5.21 11.03
C ARG A 4 34.64 -4.13 10.07
N ASP A 5 35.55 -3.33 9.50
CA ASP A 5 35.19 -2.30 8.52
C ASP A 5 34.79 -2.97 7.19
N THR A 6 33.50 -2.84 6.81
CA THR A 6 32.96 -3.41 5.56
C THR A 6 33.06 -2.38 4.43
N PRO A 7 33.34 -2.81 3.15
CA PRO A 7 33.40 -1.90 1.96
C PRO A 7 32.09 -1.11 1.74
N SER A 8 30.97 -1.69 2.20
CA SER A 8 29.64 -1.06 2.26
C SER A 8 29.13 -0.61 0.86
N PRO A 9 28.64 -1.57 0.00
CA PRO A 9 28.00 -1.23 -1.29
C PRO A 9 26.55 -0.76 -1.07
N GLY A 10 26.26 0.50 -1.46
CA GLY A 10 24.97 1.13 -1.19
C GLY A 10 24.56 2.11 -2.28
N GLY A 11 23.40 2.73 -2.06
CA GLY A 11 22.84 3.72 -2.98
C GLY A 11 21.51 4.26 -2.47
N VAL A 12 21.02 5.35 -3.08
CA VAL A 12 19.73 5.97 -2.72
C VAL A 12 18.57 5.08 -3.21
N SER A 13 18.13 4.18 -2.32
CA SER A 13 16.96 3.30 -2.55
C SER A 13 15.68 4.02 -2.14
N GLU A 14 15.78 4.76 -1.00
CA GLU A 14 14.65 5.46 -0.36
C GLU A 14 13.57 4.43 0.06
N SER A 15 14.04 3.30 0.62
CA SER A 15 13.19 2.18 1.05
C SER A 15 13.55 1.79 2.48
N GLY A 16 12.67 2.12 3.44
CA GLY A 16 12.89 1.80 4.86
C GLY A 16 13.26 3.01 5.69
N SER A 17 12.81 4.20 5.25
CA SER A 17 12.96 5.46 6.00
C SER A 17 11.93 5.51 7.13
N GLU A 18 10.69 5.10 6.79
CA GLU A 18 9.57 4.94 7.75
C GLU A 18 9.21 3.44 7.83
N ASP A 19 8.58 3.02 8.94
CA ASP A 19 8.26 1.61 9.23
C ASP A 19 6.80 1.47 9.68
N GLY A 20 6.17 0.34 9.33
CA GLY A 20 4.77 0.07 9.67
C GLY A 20 3.80 0.49 8.57
N LEU A 21 4.35 0.77 7.37
CA LEU A 21 3.57 1.19 6.19
C LEU A 21 3.13 -0.05 5.40
N TYR A 22 1.85 -0.09 5.03
CA TYR A 22 1.24 -1.24 4.35
C TYR A 22 1.39 -1.12 2.83
N GLU A 23 2.27 -1.96 2.26
CA GLU A 23 2.59 -1.98 0.83
C GLU A 23 1.88 -3.15 0.15
N CYS A 24 0.87 -2.83 -0.68
CA CYS A 24 0.28 -3.81 -1.61
C CYS A 24 1.32 -4.10 -2.69
N HIS A 25 1.87 -5.33 -2.74
CA HIS A 25 3.04 -5.64 -3.59
C HIS A 25 2.71 -5.69 -5.11
N HIS A 26 1.42 -5.45 -5.45
CA HIS A 26 0.94 -5.35 -6.85
C HIS A 26 0.64 -3.88 -7.23
N CYS A 27 0.93 -2.92 -6.33
CA CYS A 27 0.72 -1.47 -6.57
C CYS A 27 1.75 -0.64 -5.78
N ALA A 28 2.37 0.37 -6.41
CA ALA A 28 3.35 1.27 -5.73
C ALA A 28 2.67 2.15 -4.66
N LYS A 29 1.32 2.30 -4.78
CA LYS A 29 0.49 3.01 -3.79
C LYS A 29 0.50 2.25 -2.45
N LYS A 30 0.80 3.00 -1.39
CA LYS A 30 1.11 2.48 -0.05
C LYS A 30 0.28 3.23 0.98
N PHE A 31 -0.30 2.48 1.93
CA PHE A 31 -1.27 3.02 2.90
C PHE A 31 -0.70 2.93 4.31
N ARG A 32 -0.76 4.05 5.04
CA ARG A 32 -0.32 4.12 6.45
C ARG A 32 -1.36 3.46 7.36
N ARG A 33 -2.62 3.46 6.90
CA ARG A 33 -3.78 2.96 7.64
C ARG A 33 -4.21 1.59 7.09
N GLN A 34 -4.55 0.65 8.00
CA GLN A 34 -5.02 -0.70 7.65
C GLN A 34 -6.34 -0.63 6.86
N ALA A 35 -7.21 0.31 7.26
CA ALA A 35 -8.57 0.49 6.70
C ALA A 35 -8.57 0.57 5.16
N TYR A 36 -7.64 1.37 4.62
CA TYR A 36 -7.49 1.59 3.17
C TYR A 36 -6.94 0.33 2.49
N LEU A 37 -5.97 -0.36 3.15
CA LEU A 37 -5.37 -1.60 2.61
C LEU A 37 -6.44 -2.72 2.56
N ARG A 38 -7.34 -2.73 3.55
CA ARG A 38 -8.41 -3.74 3.68
C ARG A 38 -9.42 -3.63 2.52
N LYS A 39 -9.90 -2.40 2.25
CA LYS A 39 -10.87 -2.14 1.17
C LYS A 39 -10.18 -2.24 -0.22
N HIS A 40 -8.86 -1.98 -0.24
CA HIS A 40 -8.03 -2.10 -1.45
C HIS A 40 -7.78 -3.58 -1.81
N LEU A 41 -7.64 -4.41 -0.78
CA LEU A 41 -7.52 -5.87 -0.91
C LEU A 41 -8.86 -6.45 -1.37
N LEU A 42 -9.94 -5.84 -0.87
CA LEU A 42 -11.33 -6.18 -1.22
C LEU A 42 -11.65 -5.76 -2.68
N ALA A 43 -10.90 -4.75 -3.19
CA ALA A 43 -10.97 -4.31 -4.60
C ALA A 43 -10.36 -5.39 -5.52
N HIS A 44 -9.19 -5.96 -5.11
CA HIS A 44 -8.55 -7.09 -5.83
C HIS A 44 -9.34 -8.41 -5.63
N HIS A 45 -10.16 -8.46 -4.56
CA HIS A 45 -10.98 -9.64 -4.21
C HIS A 45 -12.07 -9.84 -5.28
N GLN A 46 -11.85 -10.82 -6.16
CA GLN A 46 -12.78 -11.14 -7.27
C GLN A 46 -14.15 -11.59 -6.73
N ALA A 47 -14.10 -12.59 -5.81
CA ALA A 47 -15.30 -13.18 -5.15
C ALA A 47 -16.38 -13.59 -6.18
N LEU A 48 -15.95 -14.31 -7.23
CA LEU A 48 -16.82 -14.68 -8.36
C LEU A 48 -18.00 -15.55 -7.84
N GLN A 49 -19.22 -14.99 -7.97
CA GLN A 49 -20.45 -15.59 -7.42
C GLN A 49 -20.97 -16.67 -8.40
N ALA A 50 -21.48 -17.78 -7.83
CA ALA A 50 -22.05 -18.90 -8.60
C ALA A 50 -23.46 -18.56 -9.11
N LYS A 51 -23.86 -19.13 -10.25
CA LYS A 51 -25.20 -18.96 -10.84
C LYS A 51 -25.74 -20.33 -11.32
N GLY A 1 20.81 -26.14 -19.96
CA GLY A 1 21.79 -25.96 -18.87
C GLY A 1 21.31 -24.96 -17.83
N SER A 2 22.26 -24.38 -17.08
CA SER A 2 21.99 -23.43 -15.99
C SER A 2 21.39 -22.11 -16.53
N ASP A 3 20.33 -21.62 -15.86
CA ASP A 3 19.66 -20.35 -16.21
C ASP A 3 20.57 -19.15 -15.87
N ARG A 4 20.42 -18.06 -16.64
CA ARG A 4 21.29 -16.87 -16.57
C ARG A 4 20.48 -15.64 -16.10
N ASP A 5 21.17 -14.50 -15.89
CA ASP A 5 20.50 -13.21 -15.57
C ASP A 5 20.31 -12.41 -16.87
N THR A 6 19.06 -12.02 -17.15
CA THR A 6 18.68 -11.26 -18.35
C THR A 6 18.53 -9.75 -17.99
N PRO A 7 19.22 -8.81 -18.74
CA PRO A 7 19.17 -7.34 -18.48
C PRO A 7 17.72 -6.80 -18.29
N SER A 8 17.31 -6.67 -17.02
CA SER A 8 15.94 -6.32 -16.62
C SER A 8 15.67 -4.80 -16.76
N PRO A 9 14.36 -4.37 -16.89
CA PRO A 9 14.00 -2.92 -16.97
C PRO A 9 14.25 -2.17 -15.65
N GLY A 10 14.38 -0.83 -15.75
CA GLY A 10 14.60 0.03 -14.58
C GLY A 10 13.42 0.08 -13.62
N GLY A 11 13.71 0.36 -12.34
CA GLY A 11 12.68 0.46 -11.29
C GLY A 11 12.85 1.72 -10.48
N VAL A 12 11.72 2.39 -10.16
CA VAL A 12 11.73 3.61 -9.34
C VAL A 12 12.11 3.25 -7.88
N SER A 13 13.41 3.39 -7.58
CA SER A 13 13.97 3.10 -6.26
C SER A 13 13.45 4.12 -5.22
N GLU A 14 12.79 3.61 -4.19
CA GLU A 14 12.20 4.43 -3.13
C GLU A 14 12.47 3.74 -1.79
N SER A 15 13.23 4.40 -0.91
CA SER A 15 13.59 3.87 0.42
C SER A 15 13.26 4.89 1.53
N GLY A 16 12.59 5.99 1.15
CA GLY A 16 12.18 7.04 2.09
C GLY A 16 10.97 6.64 2.92
N SER A 17 10.24 5.61 2.46
CA SER A 17 9.14 5.00 3.20
C SER A 17 9.67 4.26 4.45
N GLU A 18 9.36 4.83 5.62
CA GLU A 18 9.62 4.21 6.93
C GLU A 18 8.71 2.98 7.08
N ASP A 19 9.22 1.95 7.79
CA ASP A 19 8.46 0.69 8.03
C ASP A 19 7.19 0.95 8.84
N GLY A 20 6.18 0.09 8.65
CA GLY A 20 4.83 0.30 9.19
C GLY A 20 3.84 0.71 8.12
N LEU A 21 4.35 1.06 6.92
CA LEU A 21 3.51 1.33 5.74
C LEU A 21 3.15 0.00 5.06
N TYR A 22 1.86 -0.32 5.05
CA TYR A 22 1.34 -1.56 4.46
C TYR A 22 1.46 -1.48 2.92
N GLU A 23 2.39 -2.27 2.35
CA GLU A 23 2.64 -2.28 0.90
C GLU A 23 1.74 -3.32 0.21
N CYS A 24 1.16 -2.92 -0.92
CA CYS A 24 0.46 -3.86 -1.81
C CYS A 24 1.43 -4.24 -2.94
N HIS A 25 1.73 -5.55 -3.10
CA HIS A 25 2.82 -6.00 -4.01
C HIS A 25 2.52 -5.73 -5.52
N HIS A 26 1.25 -5.47 -5.84
CA HIS A 26 0.83 -5.14 -7.23
C HIS A 26 0.29 -3.70 -7.34
N CYS A 27 0.74 -2.82 -6.43
CA CYS A 27 0.46 -1.36 -6.47
C CYS A 27 1.54 -0.64 -5.65
N ALA A 28 2.28 0.30 -6.28
CA ALA A 28 3.32 1.12 -5.60
C ALA A 28 2.69 2.00 -4.49
N LYS A 29 1.35 2.18 -4.54
CA LYS A 29 0.57 2.83 -3.49
C LYS A 29 0.67 2.01 -2.18
N LYS A 30 1.36 2.61 -1.20
CA LYS A 30 1.51 2.06 0.15
C LYS A 30 0.62 2.85 1.12
N PHE A 31 -0.04 2.14 2.05
CA PHE A 31 -1.09 2.68 2.91
C PHE A 31 -0.58 2.74 4.36
N ARG A 32 -0.70 3.91 4.99
CA ARG A 32 -0.35 4.12 6.42
C ARG A 32 -1.57 3.83 7.31
N ARG A 33 -2.75 3.85 6.69
CA ARG A 33 -4.01 3.50 7.35
C ARG A 33 -4.43 2.10 6.87
N GLN A 34 -4.51 1.15 7.83
CA GLN A 34 -4.81 -0.26 7.54
C GLN A 34 -6.22 -0.42 6.95
N ALA A 35 -7.16 0.42 7.42
CA ALA A 35 -8.58 0.43 6.97
C ALA A 35 -8.70 0.55 5.44
N TYR A 36 -7.82 1.40 4.89
CA TYR A 36 -7.75 1.66 3.44
C TYR A 36 -7.17 0.44 2.71
N LEU A 37 -6.09 -0.18 3.27
CA LEU A 37 -5.44 -1.38 2.68
C LEU A 37 -6.42 -2.56 2.65
N ARG A 38 -7.25 -2.68 3.70
CA ARG A 38 -8.26 -3.74 3.84
C ARG A 38 -9.25 -3.67 2.67
N LYS A 39 -9.95 -2.52 2.56
CA LYS A 39 -10.98 -2.30 1.53
C LYS A 39 -10.35 -2.28 0.12
N HIS A 40 -9.03 -2.00 0.06
CA HIS A 40 -8.26 -2.05 -1.18
C HIS A 40 -8.08 -3.51 -1.65
N LEU A 41 -7.84 -4.42 -0.68
CA LEU A 41 -7.66 -5.86 -0.92
C LEU A 41 -9.02 -6.49 -1.33
N LEU A 42 -10.10 -6.02 -0.67
CA LEU A 42 -11.47 -6.42 -0.99
C LEU A 42 -11.89 -5.85 -2.37
N ALA A 43 -11.27 -4.73 -2.78
CA ALA A 43 -11.49 -4.11 -4.13
C ALA A 43 -10.71 -4.87 -5.21
N HIS A 44 -9.62 -5.56 -4.81
CA HIS A 44 -8.78 -6.40 -5.72
C HIS A 44 -9.57 -7.59 -6.30
N HIS A 45 -10.70 -7.93 -5.66
CA HIS A 45 -11.61 -9.00 -6.13
C HIS A 45 -12.22 -8.59 -7.47
N GLN A 46 -11.77 -9.26 -8.55
CA GLN A 46 -12.16 -8.97 -9.95
C GLN A 46 -13.67 -9.20 -10.17
N ALA A 47 -14.27 -10.11 -9.38
CA ALA A 47 -15.71 -10.45 -9.47
C ALA A 47 -16.63 -9.32 -8.98
N LEU A 48 -16.04 -8.22 -8.46
CA LEU A 48 -16.79 -7.00 -8.04
C LEU A 48 -16.64 -5.89 -9.09
N GLN A 49 -17.66 -5.01 -9.15
CA GLN A 49 -17.62 -3.78 -9.96
C GLN A 49 -17.10 -2.63 -9.08
N ALA A 50 -15.77 -2.55 -8.93
CA ALA A 50 -15.09 -1.60 -8.02
C ALA A 50 -14.18 -0.66 -8.82
N LYS A 51 -14.60 0.62 -8.93
CA LYS A 51 -13.85 1.66 -9.64
C LYS A 51 -12.82 2.32 -8.67
N GLY A 1 -13.18 -29.08 -16.82
CA GLY A 1 -12.61 -29.14 -15.47
C GLY A 1 -12.73 -27.80 -14.75
N SER A 2 -11.71 -27.49 -13.91
CA SER A 2 -11.59 -26.23 -13.17
C SER A 2 -10.11 -25.94 -12.89
N ASP A 3 -9.54 -24.95 -13.61
CA ASP A 3 -8.13 -24.52 -13.42
C ASP A 3 -8.05 -23.42 -12.35
N ARG A 4 -7.35 -23.71 -11.24
CA ARG A 4 -7.15 -22.76 -10.12
C ARG A 4 -5.71 -22.23 -10.09
N ASP A 5 -4.97 -22.38 -11.21
CA ASP A 5 -3.61 -21.84 -11.33
C ASP A 5 -3.64 -20.30 -11.39
N THR A 6 -2.86 -19.64 -10.52
CA THR A 6 -2.69 -18.19 -10.50
C THR A 6 -1.18 -17.85 -10.65
N PRO A 7 -0.76 -17.24 -11.81
CA PRO A 7 0.62 -16.73 -11.98
C PRO A 7 0.91 -15.60 -10.97
N SER A 8 1.96 -15.79 -10.14
CA SER A 8 2.32 -14.82 -9.08
C SER A 8 3.68 -14.15 -9.43
N PRO A 9 3.67 -12.99 -10.16
CA PRO A 9 4.90 -12.29 -10.58
C PRO A 9 5.61 -11.57 -9.41
N GLY A 10 6.64 -12.21 -8.83
CA GLY A 10 7.42 -11.63 -7.74
C GLY A 10 6.73 -11.74 -6.39
N GLY A 11 5.76 -10.83 -6.13
CA GLY A 11 5.02 -10.82 -4.87
C GLY A 11 5.69 -9.99 -3.77
N VAL A 12 6.96 -9.61 -3.98
CA VAL A 12 7.78 -8.85 -3.01
C VAL A 12 8.14 -7.46 -3.58
N SER A 13 8.73 -6.60 -2.74
CA SER A 13 9.16 -5.25 -3.14
C SER A 13 10.42 -4.82 -2.37
N GLU A 14 11.39 -4.24 -3.10
CA GLU A 14 12.58 -3.60 -2.50
C GLU A 14 12.18 -2.32 -1.72
N SER A 15 12.50 -2.30 -0.40
CA SER A 15 12.09 -1.22 0.54
C SER A 15 10.55 -1.16 0.64
N GLY A 16 9.94 -2.35 0.80
CA GLY A 16 8.49 -2.51 0.80
C GLY A 16 7.81 -2.15 2.12
N SER A 17 6.91 -3.02 2.58
CA SER A 17 6.01 -2.74 3.70
C SER A 17 6.67 -3.03 5.08
N GLU A 18 7.30 -2.00 5.65
CA GLU A 18 7.87 -2.03 7.02
C GLU A 18 7.25 -0.90 7.87
N ASP A 19 7.56 -0.89 9.19
CA ASP A 19 7.23 0.22 10.13
C ASP A 19 5.72 0.47 10.33
N GLY A 20 4.89 -0.49 9.91
CA GLY A 20 3.43 -0.34 9.96
C GLY A 20 2.84 0.32 8.72
N LEU A 21 3.69 0.60 7.73
CA LEU A 21 3.26 1.02 6.40
C LEU A 21 2.87 -0.24 5.61
N TYR A 22 1.59 -0.36 5.27
CA TYR A 22 1.05 -1.52 4.52
C TYR A 22 1.16 -1.27 3.01
N GLU A 23 1.72 -2.25 2.26
CA GLU A 23 1.83 -2.16 0.79
C GLU A 23 1.34 -3.45 0.13
N CYS A 24 0.42 -3.28 -0.81
CA CYS A 24 0.02 -4.30 -1.77
C CYS A 24 1.03 -4.29 -2.93
N HIS A 25 1.88 -5.33 -2.98
CA HIS A 25 3.19 -5.29 -3.70
C HIS A 25 3.09 -5.42 -5.23
N HIS A 26 1.90 -5.20 -5.80
CA HIS A 26 1.75 -4.97 -7.27
C HIS A 26 1.14 -3.58 -7.53
N CYS A 27 1.21 -2.71 -6.50
CA CYS A 27 0.80 -1.31 -6.56
C CYS A 27 1.77 -0.50 -5.68
N ALA A 28 2.24 0.65 -6.19
CA ALA A 28 3.19 1.52 -5.47
C ALA A 28 2.57 2.15 -4.22
N LYS A 29 1.21 2.26 -4.21
CA LYS A 29 0.46 2.87 -3.11
C LYS A 29 0.61 2.09 -1.79
N LYS A 30 1.47 2.65 -0.91
CA LYS A 30 1.53 2.28 0.49
C LYS A 30 0.47 3.09 1.26
N PHE A 31 -0.31 2.40 2.09
CA PHE A 31 -1.25 3.03 3.01
C PHE A 31 -0.72 2.81 4.43
N ARG A 32 -0.56 3.90 5.21
CA ARG A 32 -0.15 3.82 6.63
C ARG A 32 -1.30 3.24 7.46
N ARG A 33 -2.52 3.39 6.93
CA ARG A 33 -3.75 2.93 7.56
C ARG A 33 -4.20 1.62 6.90
N GLN A 34 -4.29 0.56 7.73
CA GLN A 34 -4.67 -0.80 7.32
C GLN A 34 -6.07 -0.82 6.67
N ALA A 35 -6.93 0.13 7.09
CA ALA A 35 -8.30 0.27 6.59
C ALA A 35 -8.35 0.50 5.07
N TYR A 36 -7.45 1.38 4.57
CA TYR A 36 -7.39 1.71 3.13
C TYR A 36 -6.73 0.57 2.33
N LEU A 37 -5.84 -0.19 2.98
CA LEU A 37 -5.22 -1.39 2.38
C LEU A 37 -6.28 -2.52 2.30
N ARG A 38 -7.15 -2.56 3.32
CA ARG A 38 -8.19 -3.60 3.46
C ARG A 38 -9.26 -3.45 2.35
N LYS A 39 -9.72 -2.21 2.20
CA LYS A 39 -10.67 -1.83 1.15
C LYS A 39 -10.03 -2.00 -0.25
N HIS A 40 -8.72 -1.71 -0.33
CA HIS A 40 -7.90 -1.90 -1.54
C HIS A 40 -7.81 -3.41 -1.91
N LEU A 41 -7.71 -4.26 -0.88
CA LEU A 41 -7.61 -5.73 -1.03
C LEU A 41 -8.92 -6.30 -1.61
N LEU A 42 -10.04 -5.80 -1.09
CA LEU A 42 -11.39 -6.17 -1.56
C LEU A 42 -11.71 -5.53 -2.93
N ALA A 43 -10.96 -4.49 -3.32
CA ALA A 43 -11.07 -3.89 -4.68
C ALA A 43 -10.46 -4.83 -5.74
N HIS A 44 -9.40 -5.57 -5.34
CA HIS A 44 -8.81 -6.63 -6.19
C HIS A 44 -9.71 -7.86 -6.29
N HIS A 45 -10.63 -8.02 -5.33
CA HIS A 45 -11.55 -9.15 -5.31
C HIS A 45 -12.61 -8.99 -6.43
N GLN A 46 -12.35 -9.65 -7.57
CA GLN A 46 -13.20 -9.60 -8.76
C GLN A 46 -14.46 -10.45 -8.57
N ALA A 47 -14.34 -11.49 -7.74
CA ALA A 47 -15.43 -12.41 -7.40
C ALA A 47 -16.31 -11.84 -6.25
N LEU A 48 -16.63 -10.54 -6.35
CA LEU A 48 -17.29 -9.78 -5.28
C LEU A 48 -18.81 -10.07 -5.20
N GLN A 49 -19.35 -10.73 -6.23
CA GLN A 49 -20.74 -11.21 -6.24
C GLN A 49 -20.82 -12.61 -5.58
N ALA A 50 -21.25 -12.64 -4.30
CA ALA A 50 -21.45 -13.90 -3.56
C ALA A 50 -22.66 -14.67 -4.12
N LYS A 51 -22.40 -15.89 -4.62
CA LYS A 51 -23.40 -16.71 -5.33
C LYS A 51 -23.53 -18.09 -4.62
N GLY A 1 20.60 9.05 21.13
CA GLY A 1 21.36 8.47 20.01
C GLY A 1 20.71 7.19 19.49
N SER A 2 20.84 6.09 20.25
CA SER A 2 20.34 4.76 19.85
C SER A 2 19.53 4.12 21.01
N ASP A 3 18.18 4.17 20.88
CA ASP A 3 17.26 3.56 21.86
C ASP A 3 17.21 2.03 21.67
N ARG A 4 17.60 1.32 22.73
CA ARG A 4 17.69 -0.15 22.75
C ARG A 4 16.90 -0.69 23.97
N ASP A 5 15.80 -1.42 23.69
CA ASP A 5 14.84 -1.90 24.72
C ASP A 5 14.82 -3.44 24.82
N THR A 6 14.66 -4.11 23.66
CA THR A 6 14.58 -5.58 23.57
C THR A 6 15.51 -6.08 22.44
N PRO A 7 16.34 -7.19 22.67
CA PRO A 7 17.19 -7.81 21.61
C PRO A 7 16.35 -8.21 20.37
N SER A 8 16.23 -7.27 19.44
CA SER A 8 15.39 -7.35 18.22
C SER A 8 15.96 -6.36 17.16
N PRO A 9 15.50 -6.40 15.85
CA PRO A 9 15.87 -5.35 14.85
C PRO A 9 15.30 -3.94 15.19
N GLY A 10 14.47 -3.87 16.25
CA GLY A 10 13.98 -2.60 16.80
C GLY A 10 12.60 -2.24 16.28
N GLY A 11 12.48 -2.20 14.94
CA GLY A 11 11.25 -1.85 14.24
C GLY A 11 11.52 -1.59 12.77
N VAL A 12 12.59 -0.84 12.52
CA VAL A 12 13.14 -0.64 11.17
C VAL A 12 14.13 -1.78 10.86
N SER A 13 13.73 -2.66 9.93
CA SER A 13 14.52 -3.82 9.50
C SER A 13 15.58 -3.36 8.49
N GLU A 14 16.83 -3.84 8.68
CA GLU A 14 17.96 -3.51 7.80
C GLU A 14 17.72 -4.12 6.40
N SER A 15 17.54 -3.23 5.39
CA SER A 15 17.24 -3.59 3.98
C SER A 15 15.79 -4.11 3.82
N GLY A 16 15.00 -4.05 4.91
CA GLY A 16 13.59 -4.41 4.90
C GLY A 16 12.72 -3.19 4.64
N SER A 17 11.99 -3.19 3.52
CA SER A 17 11.17 -2.06 3.07
C SER A 17 9.74 -2.12 3.69
N GLU A 18 9.69 -2.43 4.99
CA GLU A 18 8.42 -2.59 5.73
C GLU A 18 8.04 -1.25 6.38
N ASP A 19 8.89 -0.80 7.35
CA ASP A 19 8.83 0.54 8.00
C ASP A 19 7.52 0.77 8.80
N GLY A 20 6.73 -0.30 9.00
CA GLY A 20 5.38 -0.20 9.59
C GLY A 20 4.32 0.26 8.56
N LEU A 21 4.80 0.62 7.35
CA LEU A 21 3.97 1.12 6.25
C LEU A 21 3.47 -0.06 5.41
N TYR A 22 2.15 -0.20 5.34
CA TYR A 22 1.48 -1.29 4.63
C TYR A 22 1.50 -1.03 3.12
N GLU A 23 2.30 -1.84 2.41
CA GLU A 23 2.49 -1.73 0.97
C GLU A 23 2.14 -3.09 0.33
N CYS A 24 1.02 -3.12 -0.41
CA CYS A 24 0.52 -4.31 -1.11
C CYS A 24 1.47 -4.70 -2.26
N HIS A 25 2.33 -5.71 -2.02
CA HIS A 25 3.43 -6.10 -2.92
C HIS A 25 2.89 -6.61 -4.27
N HIS A 26 2.65 -5.65 -5.18
CA HIS A 26 2.08 -5.81 -6.56
C HIS A 26 1.58 -4.43 -7.06
N CYS A 27 1.40 -3.46 -6.13
CA CYS A 27 0.91 -2.11 -6.44
C CYS A 27 1.75 -1.07 -5.66
N ALA A 28 2.14 0.02 -6.32
CA ALA A 28 2.97 1.09 -5.71
C ALA A 28 2.17 1.98 -4.73
N LYS A 29 0.83 1.88 -4.76
CA LYS A 29 -0.06 2.65 -3.87
C LYS A 29 0.06 2.13 -2.43
N LYS A 30 0.74 2.92 -1.58
CA LYS A 30 1.02 2.58 -0.18
C LYS A 30 -0.07 3.15 0.74
N PHE A 31 -0.39 2.44 1.83
CA PHE A 31 -1.42 2.83 2.81
C PHE A 31 -0.83 2.75 4.22
N ARG A 32 -1.01 3.83 5.00
CA ARG A 32 -0.51 3.92 6.38
C ARG A 32 -1.50 3.23 7.34
N ARG A 33 -2.80 3.26 6.95
CA ARG A 33 -3.91 2.71 7.76
C ARG A 33 -4.38 1.36 7.18
N GLN A 34 -4.60 0.39 8.08
CA GLN A 34 -4.95 -1.01 7.74
C GLN A 34 -6.33 -1.11 7.08
N ALA A 35 -7.23 -0.16 7.41
CA ALA A 35 -8.60 -0.10 6.86
C ALA A 35 -8.59 0.12 5.33
N TYR A 36 -7.72 1.02 4.87
CA TYR A 36 -7.60 1.39 3.45
C TYR A 36 -6.77 0.37 2.67
N LEU A 37 -5.86 -0.36 3.37
CA LEU A 37 -5.12 -1.49 2.76
C LEU A 37 -6.11 -2.65 2.51
N ARG A 38 -7.04 -2.86 3.48
CA ARG A 38 -8.07 -3.91 3.39
C ARG A 38 -9.11 -3.57 2.31
N LYS A 39 -9.43 -2.27 2.18
CA LYS A 39 -10.36 -1.76 1.15
C LYS A 39 -9.73 -1.91 -0.25
N HIS A 40 -8.41 -1.71 -0.30
CA HIS A 40 -7.59 -1.92 -1.50
C HIS A 40 -7.54 -3.43 -1.88
N LEU A 41 -7.44 -4.28 -0.83
CA LEU A 41 -7.47 -5.75 -1.00
C LEU A 41 -8.85 -6.18 -1.51
N LEU A 42 -9.90 -5.50 -1.03
CA LEU A 42 -11.29 -5.69 -1.45
C LEU A 42 -11.50 -5.19 -2.90
N ALA A 43 -10.69 -4.20 -3.31
CA ALA A 43 -10.69 -3.67 -4.69
C ALA A 43 -10.05 -4.67 -5.68
N HIS A 44 -9.17 -5.58 -5.17
CA HIS A 44 -8.67 -6.74 -5.94
C HIS A 44 -9.81 -7.75 -6.25
N HIS A 45 -10.84 -7.76 -5.38
CA HIS A 45 -12.03 -8.63 -5.54
C HIS A 45 -13.06 -7.94 -6.46
N GLN A 46 -13.50 -8.65 -7.52
CA GLN A 46 -14.54 -8.15 -8.44
C GLN A 46 -15.90 -8.08 -7.72
N ALA A 47 -16.08 -8.97 -6.69
CA ALA A 47 -17.27 -9.02 -5.81
C ALA A 47 -18.57 -9.18 -6.62
N LEU A 48 -18.72 -10.37 -7.24
CA LEU A 48 -19.82 -10.71 -8.17
C LEU A 48 -19.81 -9.73 -9.36
N GLN A 49 -18.98 -10.04 -10.36
CA GLN A 49 -18.87 -9.26 -11.58
C GLN A 49 -18.18 -10.11 -12.64
N ALA A 50 -18.94 -10.45 -13.72
CA ALA A 50 -18.49 -11.34 -14.82
C ALA A 50 -18.24 -12.79 -14.34
N LYS A 51 -17.96 -13.69 -15.29
CA LYS A 51 -17.62 -15.10 -15.02
C LYS A 51 -16.28 -15.44 -15.69
N GLY A 1 5.45 5.41 -23.31
CA GLY A 1 6.16 5.77 -24.56
C GLY A 1 7.32 6.72 -24.30
N SER A 2 8.49 6.43 -24.90
CA SER A 2 9.74 7.20 -24.76
C SER A 2 10.30 7.12 -23.32
N ASP A 3 11.43 6.40 -23.16
CA ASP A 3 12.06 6.15 -21.84
C ASP A 3 12.65 7.44 -21.24
N ARG A 4 12.71 7.50 -19.90
CA ARG A 4 13.28 8.63 -19.14
C ARG A 4 14.17 8.09 -18.01
N ASP A 5 15.47 7.91 -18.28
CA ASP A 5 16.44 7.41 -17.26
C ASP A 5 16.73 8.51 -16.23
N THR A 6 16.65 8.15 -14.93
CA THR A 6 16.87 9.07 -13.82
C THR A 6 18.39 9.35 -13.63
N PRO A 7 18.86 10.64 -13.84
CA PRO A 7 20.31 11.03 -13.75
C PRO A 7 21.04 10.57 -12.47
N SER A 8 20.28 10.49 -11.36
CA SER A 8 20.78 9.96 -10.07
C SER A 8 19.92 8.74 -9.65
N PRO A 9 20.17 7.52 -10.22
CA PRO A 9 19.33 6.32 -9.98
C PRO A 9 19.68 5.59 -8.66
N GLY A 10 20.96 5.70 -8.24
CA GLY A 10 21.47 4.97 -7.08
C GLY A 10 21.27 5.73 -5.78
N GLY A 11 19.99 5.97 -5.43
CA GLY A 11 19.62 6.62 -4.18
C GLY A 11 19.67 5.64 -3.01
N VAL A 12 20.90 5.21 -2.68
CA VAL A 12 21.18 4.23 -1.62
C VAL A 12 20.74 4.79 -0.24
N SER A 13 19.74 4.15 0.36
CA SER A 13 19.12 4.58 1.62
C SER A 13 19.27 3.48 2.68
N GLU A 14 20.37 3.57 3.45
CA GLU A 14 20.64 2.63 4.55
C GLU A 14 19.73 3.00 5.75
N SER A 15 18.61 2.28 5.86
CA SER A 15 17.60 2.49 6.89
C SER A 15 17.20 1.14 7.48
N GLY A 16 17.03 1.09 8.82
CA GLY A 16 16.61 -0.12 9.53
C GLY A 16 15.25 -0.64 9.05
N SER A 17 14.32 0.30 8.85
CA SER A 17 13.01 0.01 8.25
C SER A 17 13.06 0.43 6.76
N GLU A 18 12.87 -0.55 5.85
CA GLU A 18 12.87 -0.31 4.40
C GLU A 18 11.66 0.55 3.98
N ASP A 19 10.48 0.16 4.50
CA ASP A 19 9.19 0.79 4.15
C ASP A 19 8.34 0.92 5.43
N GLY A 20 7.80 -0.22 5.93
CA GLY A 20 7.03 -0.25 7.18
C GLY A 20 5.56 0.15 7.04
N LEU A 21 5.19 0.70 5.87
CA LEU A 21 3.79 1.05 5.53
C LEU A 21 3.03 -0.21 5.11
N TYR A 22 1.68 -0.19 5.19
CA TYR A 22 0.86 -1.23 4.57
C TYR A 22 0.96 -1.04 3.04
N GLU A 23 1.78 -1.89 2.40
CA GLU A 23 2.11 -1.73 0.98
C GLU A 23 1.57 -2.94 0.22
N CYS A 24 0.78 -2.64 -0.81
CA CYS A 24 0.06 -3.64 -1.60
C CYS A 24 1.00 -4.37 -2.58
N HIS A 25 1.34 -5.63 -2.25
CA HIS A 25 2.16 -6.50 -3.12
C HIS A 25 1.36 -6.97 -4.35
N HIS A 26 1.16 -6.03 -5.31
CA HIS A 26 0.44 -6.23 -6.59
C HIS A 26 0.36 -4.88 -7.33
N CYS A 27 0.36 -3.76 -6.55
CA CYS A 27 0.45 -2.40 -7.11
C CYS A 27 0.94 -1.43 -6.02
N ALA A 28 1.82 -0.48 -6.40
CA ALA A 28 2.64 0.36 -5.47
C ALA A 28 1.85 1.24 -4.47
N LYS A 29 0.51 1.26 -4.59
CA LYS A 29 -0.38 1.94 -3.62
C LYS A 29 -0.16 1.43 -2.19
N LYS A 30 0.37 2.33 -1.36
CA LYS A 30 0.73 2.05 0.03
C LYS A 30 0.03 3.05 0.95
N PHE A 31 -0.27 2.58 2.19
CA PHE A 31 -1.14 3.26 3.15
C PHE A 31 -0.52 3.12 4.56
N ARG A 32 -0.77 4.10 5.44
CA ARG A 32 -0.28 4.07 6.83
C ARG A 32 -1.19 3.16 7.69
N ARG A 33 -2.51 3.26 7.45
CA ARG A 33 -3.52 2.52 8.25
C ARG A 33 -4.08 1.33 7.46
N GLN A 34 -4.48 0.29 8.21
CA GLN A 34 -4.95 -0.99 7.65
C GLN A 34 -6.25 -0.83 6.85
N ALA A 35 -7.17 0.00 7.36
CA ALA A 35 -8.55 0.19 6.80
C ALA A 35 -8.54 0.55 5.31
N TYR A 36 -7.60 1.43 4.95
CA TYR A 36 -7.42 1.91 3.58
C TYR A 36 -6.87 0.77 2.69
N LEU A 37 -5.89 0.02 3.22
CA LEU A 37 -5.28 -1.14 2.53
C LEU A 37 -6.27 -2.33 2.47
N ARG A 38 -7.18 -2.41 3.45
CA ARG A 38 -8.08 -3.58 3.62
C ARG A 38 -9.23 -3.52 2.60
N LYS A 39 -9.78 -2.31 2.40
CA LYS A 39 -10.80 -2.04 1.37
C LYS A 39 -10.13 -1.97 -0.03
N HIS A 40 -8.81 -1.65 -0.05
CA HIS A 40 -7.98 -1.71 -1.27
C HIS A 40 -7.79 -3.17 -1.73
N LEU A 41 -7.61 -4.05 -0.75
CA LEU A 41 -7.45 -5.51 -0.98
C LEU A 41 -8.79 -6.11 -1.43
N LEU A 42 -9.88 -5.56 -0.87
CA LEU A 42 -11.27 -5.85 -1.27
C LEU A 42 -11.49 -5.47 -2.75
N ALA A 43 -10.92 -4.31 -3.14
CA ALA A 43 -11.00 -3.77 -4.51
C ALA A 43 -10.05 -4.50 -5.49
N HIS A 44 -9.13 -5.33 -4.95
CA HIS A 44 -8.29 -6.24 -5.77
C HIS A 44 -9.01 -7.57 -6.09
N HIS A 45 -10.26 -7.71 -5.64
CA HIS A 45 -11.12 -8.83 -6.04
C HIS A 45 -11.74 -8.47 -7.42
N GLN A 46 -11.73 -9.44 -8.36
CA GLN A 46 -12.14 -9.23 -9.78
C GLN A 46 -13.58 -8.67 -9.94
N ALA A 47 -14.45 -8.96 -8.94
CA ALA A 47 -15.80 -8.40 -8.88
C ALA A 47 -15.72 -6.89 -8.56
N LEU A 48 -15.81 -6.06 -9.61
CA LEU A 48 -15.71 -4.58 -9.52
C LEU A 48 -16.99 -3.93 -10.10
N GLN A 49 -18.13 -4.56 -9.79
CA GLN A 49 -19.47 -4.08 -10.18
C GLN A 49 -19.89 -2.87 -9.31
N ALA A 50 -19.64 -2.98 -8.00
CA ALA A 50 -19.98 -1.93 -7.00
C ALA A 50 -18.73 -1.20 -6.48
N LYS A 51 -17.53 -1.60 -6.97
CA LYS A 51 -16.25 -0.99 -6.59
C LYS A 51 -15.57 -0.39 -7.85
N GLY A 1 13.05 24.97 -4.45
CA GLY A 1 12.23 26.02 -5.10
C GLY A 1 12.02 27.22 -4.19
N SER A 2 11.11 27.03 -3.20
CA SER A 2 10.69 28.01 -2.15
C SER A 2 9.85 29.20 -2.72
N ASP A 3 10.39 29.88 -3.75
CA ASP A 3 9.71 31.00 -4.46
C ASP A 3 8.26 30.63 -4.89
N ARG A 4 7.37 31.61 -4.82
CA ARG A 4 5.92 31.43 -5.06
C ARG A 4 5.53 31.72 -6.50
N ASP A 5 4.29 31.26 -6.87
CA ASP A 5 3.71 31.33 -8.23
C ASP A 5 4.41 30.38 -9.21
N THR A 6 5.29 29.50 -8.69
CA THR A 6 5.96 28.45 -9.47
C THR A 6 4.98 27.28 -9.69
N PRO A 7 4.58 26.95 -10.97
CA PRO A 7 3.70 25.81 -11.28
C PRO A 7 4.36 24.47 -10.92
N SER A 8 3.95 23.89 -9.78
CA SER A 8 4.59 22.70 -9.19
C SER A 8 3.57 21.97 -8.28
N PRO A 9 3.62 20.60 -8.21
CA PRO A 9 2.73 19.82 -7.31
C PRO A 9 3.21 19.86 -5.84
N GLY A 10 2.36 19.35 -4.92
CA GLY A 10 2.73 19.20 -3.51
C GLY A 10 3.51 17.91 -3.29
N GLY A 11 4.64 17.77 -4.01
CA GLY A 11 5.45 16.54 -4.03
C GLY A 11 6.48 16.49 -2.92
N VAL A 12 6.00 16.55 -1.67
CA VAL A 12 6.85 16.42 -0.48
C VAL A 12 7.28 14.94 -0.31
N SER A 13 8.56 14.74 0.03
CA SER A 13 9.17 13.42 0.23
C SER A 13 8.56 12.71 1.46
N GLU A 14 7.45 11.97 1.21
CA GLU A 14 6.63 11.33 2.27
C GLU A 14 7.07 9.86 2.48
N SER A 15 8.34 9.68 2.89
CA SER A 15 8.93 8.36 3.16
C SER A 15 8.15 7.62 4.27
N GLY A 16 7.28 6.69 3.84
CA GLY A 16 6.52 5.84 4.77
C GLY A 16 7.39 4.77 5.37
N SER A 17 7.56 4.81 6.70
CA SER A 17 8.38 3.84 7.43
C SER A 17 7.78 2.42 7.34
N GLU A 18 8.61 1.45 6.88
CA GLU A 18 8.25 0.00 6.74
C GLU A 18 7.46 -0.51 7.95
N ASP A 19 7.95 -0.16 9.15
CA ASP A 19 7.28 -0.48 10.41
C ASP A 19 5.97 0.32 10.50
N GLY A 20 4.86 -0.30 10.05
CA GLY A 20 3.54 0.33 10.05
C GLY A 20 3.06 0.79 8.68
N LEU A 21 3.93 0.73 7.63
CA LEU A 21 3.49 1.02 6.25
C LEU A 21 2.98 -0.26 5.61
N TYR A 22 1.69 -0.27 5.28
CA TYR A 22 1.05 -1.40 4.60
C TYR A 22 1.08 -1.12 3.10
N GLU A 23 1.97 -1.81 2.37
CA GLU A 23 2.06 -1.68 0.91
C GLU A 23 1.60 -3.00 0.27
N CYS A 24 0.74 -2.87 -0.74
CA CYS A 24 0.32 -3.97 -1.58
C CYS A 24 1.39 -4.18 -2.66
N HIS A 25 2.13 -5.30 -2.58
CA HIS A 25 3.40 -5.50 -3.35
C HIS A 25 3.19 -5.89 -4.82
N HIS A 26 1.96 -5.73 -5.32
CA HIS A 26 1.64 -5.77 -6.77
C HIS A 26 1.14 -4.40 -7.25
N CYS A 27 1.37 -3.37 -6.41
CA CYS A 27 1.00 -1.97 -6.71
C CYS A 27 2.03 -1.02 -6.06
N ALA A 28 2.10 0.23 -6.55
CA ALA A 28 2.96 1.28 -5.96
C ALA A 28 2.25 1.98 -4.78
N LYS A 29 0.93 1.72 -4.63
CA LYS A 29 0.12 2.31 -3.55
C LYS A 29 0.52 1.80 -2.17
N LYS A 30 0.82 2.79 -1.31
CA LYS A 30 1.23 2.59 0.08
C LYS A 30 0.12 3.16 0.97
N PHE A 31 -0.17 2.49 2.09
CA PHE A 31 -1.27 2.89 3.00
C PHE A 31 -0.74 3.01 4.43
N ARG A 32 -0.99 4.15 5.09
CA ARG A 32 -0.57 4.41 6.47
C ARG A 32 -1.56 3.76 7.47
N ARG A 33 -2.78 3.48 7.00
CA ARG A 33 -3.83 2.82 7.81
C ARG A 33 -4.24 1.48 7.17
N GLN A 34 -4.36 0.44 8.03
CA GLN A 34 -4.64 -0.96 7.61
C GLN A 34 -6.04 -1.08 7.00
N ALA A 35 -6.99 -0.23 7.45
CA ALA A 35 -8.35 -0.16 6.89
C ALA A 35 -8.31 0.10 5.38
N TYR A 36 -7.48 1.07 4.97
CA TYR A 36 -7.38 1.49 3.57
C TYR A 36 -6.75 0.37 2.70
N LEU A 37 -5.84 -0.42 3.31
CA LEU A 37 -5.25 -1.61 2.68
C LEU A 37 -6.35 -2.68 2.50
N ARG A 38 -7.28 -2.78 3.49
CA ARG A 38 -8.38 -3.77 3.49
C ARG A 38 -9.41 -3.46 2.39
N LYS A 39 -9.75 -2.17 2.21
CA LYS A 39 -10.62 -1.70 1.09
C LYS A 39 -9.95 -1.95 -0.26
N HIS A 40 -8.60 -1.88 -0.27
CA HIS A 40 -7.77 -2.14 -1.45
C HIS A 40 -7.73 -3.66 -1.78
N LEU A 41 -7.86 -4.51 -0.74
CA LEU A 41 -7.98 -5.98 -0.90
C LEU A 41 -9.33 -6.32 -1.57
N LEU A 42 -10.35 -5.52 -1.25
CA LEU A 42 -11.67 -5.61 -1.88
C LEU A 42 -11.60 -5.10 -3.33
N ALA A 43 -10.68 -4.16 -3.61
CA ALA A 43 -10.39 -3.70 -5.00
C ALA A 43 -9.76 -4.84 -5.84
N HIS A 44 -9.04 -5.75 -5.14
CA HIS A 44 -8.47 -6.98 -5.77
C HIS A 44 -9.49 -8.14 -5.81
N HIS A 45 -10.63 -7.99 -5.12
CA HIS A 45 -11.69 -9.00 -5.11
C HIS A 45 -12.38 -9.08 -6.50
N GLN A 46 -12.29 -10.26 -7.14
CA GLN A 46 -12.73 -10.47 -8.53
C GLN A 46 -14.24 -10.28 -8.71
N ALA A 47 -15.03 -10.73 -7.72
CA ALA A 47 -16.50 -10.62 -7.74
C ALA A 47 -17.00 -9.20 -7.38
N LEU A 48 -16.05 -8.25 -7.17
CA LEU A 48 -16.37 -6.83 -6.86
C LEU A 48 -15.97 -5.92 -8.03
N GLN A 49 -16.80 -4.89 -8.28
CA GLN A 49 -16.53 -3.84 -9.28
C GLN A 49 -15.67 -2.71 -8.64
N ALA A 50 -14.35 -2.76 -8.90
CA ALA A 50 -13.38 -1.78 -8.36
C ALA A 50 -13.26 -0.53 -9.27
N LYS A 51 -12.92 0.62 -8.66
CA LYS A 51 -12.81 1.92 -9.38
C LYS A 51 -11.36 2.07 -9.92
N GLY A 1 1.72 45.32 23.42
CA GLY A 1 1.34 45.13 22.00
C GLY A 1 0.69 43.78 21.74
N SER A 2 0.18 43.60 20.51
CA SER A 2 -0.47 42.36 20.07
C SER A 2 0.59 41.31 19.69
N ASP A 3 0.49 40.10 20.26
CA ASP A 3 1.43 39.00 19.94
C ASP A 3 1.03 38.35 18.61
N ARG A 4 1.98 37.62 18.01
CA ARG A 4 1.75 36.88 16.76
C ARG A 4 1.60 35.38 17.06
N ASP A 5 0.51 34.79 16.57
CA ASP A 5 0.31 33.32 16.60
C ASP A 5 1.39 32.64 15.76
N THR A 6 2.42 32.11 16.44
CA THR A 6 3.49 31.35 15.82
C THR A 6 2.96 29.95 15.40
N PRO A 7 2.95 29.61 14.07
CA PRO A 7 2.52 28.27 13.59
C PRO A 7 3.39 27.15 14.19
N SER A 8 2.86 26.52 15.26
CA SER A 8 3.60 25.55 16.08
C SER A 8 2.81 24.22 16.13
N PRO A 9 3.14 23.23 15.23
CA PRO A 9 2.52 21.90 15.24
C PRO A 9 3.21 20.94 16.23
N GLY A 10 2.84 19.65 16.16
CA GLY A 10 3.43 18.63 17.01
C GLY A 10 2.98 17.23 16.61
N GLY A 11 2.70 16.39 17.61
CA GLY A 11 2.26 15.01 17.39
C GLY A 11 3.40 14.00 17.56
N VAL A 12 4.58 14.35 17.01
CA VAL A 12 5.81 13.53 17.02
C VAL A 12 5.55 12.13 16.41
N SER A 13 5.67 12.06 15.08
CA SER A 13 5.49 10.81 14.31
C SER A 13 6.80 10.00 14.36
N GLU A 14 7.06 9.42 15.55
CA GLU A 14 8.27 8.62 15.81
C GLU A 14 8.02 7.15 15.39
N SER A 15 9.03 6.56 14.76
CA SER A 15 8.97 5.18 14.24
C SER A 15 9.53 4.18 15.27
N GLY A 16 8.87 3.03 15.40
CA GLY A 16 9.25 1.96 16.34
C GLY A 16 9.36 0.61 15.66
N SER A 17 8.97 -0.45 16.40
CA SER A 17 9.01 -1.84 15.91
C SER A 17 8.07 -2.04 14.71
N GLU A 18 7.00 -1.25 14.70
CA GLU A 18 5.99 -1.25 13.64
C GLU A 18 6.56 -0.51 12.42
N ASP A 19 6.14 -0.90 11.22
CA ASP A 19 6.43 -0.15 9.98
C ASP A 19 5.62 1.15 9.99
N GLY A 20 4.32 1.00 10.29
CA GLY A 20 3.33 2.06 10.17
C GLY A 20 2.82 2.25 8.74
N LEU A 21 3.55 1.62 7.78
CA LEU A 21 3.24 1.63 6.36
C LEU A 21 2.87 0.20 5.94
N TYR A 22 1.68 0.05 5.38
CA TYR A 22 1.19 -1.21 4.80
C TYR A 22 1.15 -1.07 3.27
N GLU A 23 2.06 -1.77 2.58
CA GLU A 23 2.14 -1.75 1.12
C GLU A 23 1.58 -3.06 0.55
N CYS A 24 0.82 -2.94 -0.53
CA CYS A 24 0.36 -4.07 -1.34
C CYS A 24 1.45 -4.39 -2.38
N HIS A 25 2.04 -5.60 -2.30
CA HIS A 25 3.31 -5.95 -2.99
C HIS A 25 3.24 -5.82 -4.54
N HIS A 26 2.06 -6.07 -5.12
CA HIS A 26 1.83 -5.97 -6.59
C HIS A 26 1.25 -4.59 -6.97
N CYS A 27 1.55 -3.56 -6.18
CA CYS A 27 1.19 -2.16 -6.47
C CYS A 27 2.23 -1.21 -5.85
N ALA A 28 2.31 0.02 -6.38
CA ALA A 28 3.07 1.13 -5.78
C ALA A 28 2.22 1.86 -4.73
N LYS A 29 0.89 1.60 -4.75
CA LYS A 29 -0.08 2.18 -3.82
C LYS A 29 0.20 1.71 -2.37
N LYS A 30 0.82 2.59 -1.60
CA LYS A 30 1.07 2.41 -0.17
C LYS A 30 -0.09 3.01 0.64
N PHE A 31 -0.42 2.39 1.77
CA PHE A 31 -1.45 2.88 2.70
C PHE A 31 -0.85 2.93 4.12
N ARG A 32 -0.98 4.08 4.78
CA ARG A 32 -0.45 4.28 6.15
C ARG A 32 -1.38 3.63 7.19
N ARG A 33 -2.59 3.22 6.76
CA ARG A 33 -3.60 2.58 7.63
C ARG A 33 -4.05 1.24 7.01
N GLN A 34 -4.24 0.23 7.87
CA GLN A 34 -4.57 -1.15 7.47
C GLN A 34 -6.04 -1.26 7.00
N ALA A 35 -6.88 -0.32 7.46
CA ALA A 35 -8.32 -0.25 7.05
C ALA A 35 -8.44 0.13 5.56
N TYR A 36 -7.52 0.98 5.09
CA TYR A 36 -7.45 1.45 3.70
C TYR A 36 -6.81 0.37 2.80
N LEU A 37 -5.85 -0.38 3.38
CA LEU A 37 -5.22 -1.56 2.73
C LEU A 37 -6.29 -2.67 2.55
N ARG A 38 -7.17 -2.80 3.56
CA ARG A 38 -8.29 -3.78 3.57
C ARG A 38 -9.28 -3.49 2.43
N LYS A 39 -9.65 -2.21 2.32
CA LYS A 39 -10.56 -1.69 1.28
C LYS A 39 -9.95 -1.90 -0.14
N HIS A 40 -8.61 -1.82 -0.21
CA HIS A 40 -7.83 -2.02 -1.43
C HIS A 40 -7.81 -3.53 -1.83
N LEU A 41 -7.82 -4.42 -0.82
CA LEU A 41 -7.90 -5.89 -1.06
C LEU A 41 -9.31 -6.30 -1.49
N LEU A 42 -10.31 -5.50 -1.08
CA LEU A 42 -11.71 -5.64 -1.54
C LEU A 42 -11.79 -5.22 -3.04
N ALA A 43 -11.01 -4.19 -3.40
CA ALA A 43 -10.87 -3.70 -4.78
C ALA A 43 -10.10 -4.72 -5.67
N HIS A 44 -9.23 -5.52 -5.03
CA HIS A 44 -8.47 -6.62 -5.70
C HIS A 44 -9.35 -7.83 -6.05
N HIS A 45 -10.60 -7.83 -5.58
CA HIS A 45 -11.58 -8.88 -5.91
C HIS A 45 -11.92 -8.75 -7.41
N GLN A 46 -11.29 -9.59 -8.25
CA GLN A 46 -11.36 -9.48 -9.73
C GLN A 46 -12.81 -9.65 -10.27
N ALA A 47 -13.62 -10.42 -9.54
CA ALA A 47 -15.05 -10.58 -9.82
C ALA A 47 -15.83 -9.40 -9.20
N LEU A 48 -15.59 -8.21 -9.77
CA LEU A 48 -16.20 -6.95 -9.32
C LEU A 48 -16.45 -6.08 -10.57
N GLN A 49 -15.37 -5.89 -11.36
CA GLN A 49 -15.43 -5.17 -12.65
C GLN A 49 -15.12 -6.14 -13.81
N ALA A 50 -15.98 -6.13 -14.85
CA ALA A 50 -15.79 -6.93 -16.07
C ALA A 50 -14.71 -6.27 -16.97
N LYS A 51 -13.47 -6.78 -16.84
CA LYS A 51 -12.33 -6.37 -17.66
C LYS A 51 -11.29 -7.52 -17.72
N GLY A 1 30.45 28.87 19.54
CA GLY A 1 30.64 28.29 18.20
C GLY A 1 30.56 26.78 18.22
N SER A 2 31.61 26.12 17.66
CA SER A 2 31.74 24.62 17.58
C SER A 2 30.63 23.99 16.69
N ASP A 3 30.00 24.82 15.85
CA ASP A 3 28.90 24.41 14.94
C ASP A 3 29.51 23.87 13.63
N ARG A 4 28.84 22.89 12.99
CA ARG A 4 29.36 22.19 11.80
C ARG A 4 28.35 22.23 10.63
N ASP A 5 27.20 22.91 10.83
CA ASP A 5 26.16 23.05 9.80
C ASP A 5 26.57 24.16 8.83
N THR A 6 26.67 23.81 7.54
CA THR A 6 26.96 24.76 6.46
C THR A 6 25.74 25.69 6.24
N PRO A 7 25.90 27.05 6.41
CA PRO A 7 24.83 28.05 6.09
C PRO A 7 24.29 27.87 4.66
N SER A 8 23.11 27.27 4.56
CA SER A 8 22.52 26.83 3.29
C SER A 8 21.03 26.49 3.51
N PRO A 9 20.15 26.61 2.44
CA PRO A 9 18.77 26.09 2.49
C PRO A 9 18.77 24.54 2.55
N GLY A 10 19.01 24.01 3.78
CA GLY A 10 19.16 22.57 4.01
C GLY A 10 17.83 21.82 4.00
N GLY A 11 16.75 22.53 4.37
CA GLY A 11 15.39 21.98 4.35
C GLY A 11 14.86 21.87 2.93
N VAL A 12 15.33 20.85 2.19
CA VAL A 12 14.95 20.62 0.78
C VAL A 12 13.71 19.71 0.69
N SER A 13 13.63 18.71 1.58
CA SER A 13 12.53 17.72 1.61
C SER A 13 12.39 17.17 3.03
N GLU A 14 11.14 16.96 3.47
CA GLU A 14 10.86 16.37 4.80
C GLU A 14 11.19 14.86 4.78
N SER A 15 12.45 14.54 5.14
CA SER A 15 12.95 13.16 5.23
C SER A 15 12.34 12.50 6.49
N GLY A 16 11.17 11.88 6.29
CA GLY A 16 10.44 11.20 7.35
C GLY A 16 9.65 10.04 6.80
N SER A 17 10.29 9.28 5.89
CA SER A 17 9.70 8.09 5.27
C SER A 17 9.58 6.98 6.31
N GLU A 18 8.33 6.73 6.74
CA GLU A 18 8.02 5.74 7.77
C GLU A 18 7.96 4.33 7.16
N ASP A 19 8.31 3.31 7.96
CA ASP A 19 8.20 1.89 7.55
C ASP A 19 7.03 1.25 8.29
N GLY A 20 6.56 0.11 7.79
CA GLY A 20 5.40 -0.58 8.36
C GLY A 20 4.10 -0.22 7.66
N LEU A 21 4.18 0.70 6.68
CA LEU A 21 3.04 1.06 5.80
C LEU A 21 2.71 -0.14 4.91
N TYR A 22 1.45 -0.58 4.98
CA TYR A 22 1.01 -1.80 4.30
C TYR A 22 0.96 -1.57 2.79
N GLU A 23 1.93 -2.19 2.11
CA GLU A 23 2.10 -2.04 0.67
C GLU A 23 1.36 -3.17 -0.05
N CYS A 24 0.68 -2.81 -1.14
CA CYS A 24 -0.13 -3.75 -1.92
C CYS A 24 0.70 -4.32 -3.07
N HIS A 25 0.47 -5.60 -3.36
CA HIS A 25 1.06 -6.29 -4.50
C HIS A 25 0.48 -5.73 -5.80
N HIS A 26 1.37 -5.51 -6.79
CA HIS A 26 1.05 -4.95 -8.12
C HIS A 26 0.70 -3.45 -8.04
N CYS A 27 1.08 -2.78 -6.94
CA CYS A 27 0.82 -1.33 -6.74
C CYS A 27 1.96 -0.67 -5.94
N ALA A 28 2.34 0.54 -6.34
CA ALA A 28 3.29 1.39 -5.60
C ALA A 28 2.59 2.07 -4.39
N LYS A 29 1.24 1.98 -4.36
CA LYS A 29 0.44 2.48 -3.23
C LYS A 29 0.67 1.63 -1.96
N LYS A 30 1.14 2.32 -0.92
CA LYS A 30 1.36 1.76 0.41
C LYS A 30 0.66 2.68 1.43
N PHE A 31 -0.23 2.11 2.23
CA PHE A 31 -1.15 2.87 3.08
C PHE A 31 -0.71 2.79 4.55
N ARG A 32 -0.72 3.96 5.21
CA ARG A 32 -0.25 4.13 6.59
C ARG A 32 -1.20 3.42 7.56
N ARG A 33 -2.49 3.40 7.20
CA ARG A 33 -3.58 2.85 8.02
C ARG A 33 -4.17 1.60 7.34
N GLN A 34 -4.68 0.67 8.18
CA GLN A 34 -5.16 -0.67 7.74
C GLN A 34 -6.41 -0.58 6.85
N ALA A 35 -7.35 0.29 7.22
CA ALA A 35 -8.68 0.42 6.58
C ALA A 35 -8.59 0.63 5.05
N TYR A 36 -7.65 1.51 4.68
CA TYR A 36 -7.43 1.93 3.28
C TYR A 36 -6.88 0.76 2.43
N LEU A 37 -5.93 0.00 3.02
CA LEU A 37 -5.33 -1.17 2.36
C LEU A 37 -6.34 -2.32 2.28
N ARG A 38 -7.12 -2.50 3.35
CA ARG A 38 -8.00 -3.67 3.53
C ARG A 38 -9.15 -3.66 2.50
N LYS A 39 -9.71 -2.47 2.25
CA LYS A 39 -10.77 -2.29 1.23
C LYS A 39 -10.15 -2.23 -0.17
N HIS A 40 -8.88 -1.80 -0.27
CA HIS A 40 -8.09 -1.86 -1.52
C HIS A 40 -7.82 -3.33 -1.91
N LEU A 41 -7.65 -4.18 -0.89
CA LEU A 41 -7.38 -5.62 -1.05
C LEU A 41 -8.69 -6.36 -1.37
N LEU A 42 -9.82 -5.80 -0.88
CA LEU A 42 -11.18 -6.22 -1.26
C LEU A 42 -11.47 -5.89 -2.74
N ALA A 43 -10.82 -4.81 -3.23
CA ALA A 43 -10.92 -4.41 -4.65
C ALA A 43 -10.14 -5.37 -5.57
N HIS A 44 -9.07 -6.01 -5.03
CA HIS A 44 -8.34 -7.11 -5.71
C HIS A 44 -8.97 -8.49 -5.44
N HIS A 45 -9.92 -8.56 -4.48
CA HIS A 45 -10.50 -9.85 -4.02
C HIS A 45 -11.27 -10.52 -5.17
N GLN A 46 -11.02 -11.84 -5.35
CA GLN A 46 -11.58 -12.62 -6.48
C GLN A 46 -13.12 -12.57 -6.49
N ALA A 47 -13.70 -12.64 -5.29
CA ALA A 47 -15.11 -12.33 -5.05
C ALA A 47 -15.24 -10.86 -4.62
N LEU A 48 -15.72 -10.01 -5.56
CA LEU A 48 -15.97 -8.58 -5.29
C LEU A 48 -17.18 -8.41 -4.35
N GLN A 49 -17.98 -9.50 -4.23
CA GLN A 49 -19.09 -9.61 -3.27
C GLN A 49 -18.55 -9.58 -1.83
N ALA A 50 -18.68 -8.43 -1.16
CA ALA A 50 -18.19 -8.23 0.22
C ALA A 50 -19.06 -9.02 1.23
N LYS A 51 -18.64 -10.25 1.52
CA LYS A 51 -19.31 -11.14 2.50
C LYS A 51 -18.51 -11.10 3.81
N GLY A 1 14.06 26.84 -26.92
CA GLY A 1 13.40 26.69 -28.24
C GLY A 1 12.03 27.36 -28.30
N SER A 2 11.46 27.45 -29.51
CA SER A 2 10.13 28.09 -29.75
C SER A 2 8.97 27.05 -29.67
N ASP A 3 9.32 25.78 -29.35
CA ASP A 3 8.38 24.63 -29.37
C ASP A 3 7.26 24.80 -28.32
N ARG A 4 6.05 24.29 -28.65
CA ARG A 4 4.84 24.42 -27.80
C ARG A 4 4.67 23.19 -26.87
N ASP A 5 4.89 21.99 -27.42
CA ASP A 5 4.62 20.73 -26.68
C ASP A 5 5.75 20.43 -25.69
N THR A 6 5.40 20.38 -24.39
CA THR A 6 6.32 20.02 -23.30
C THR A 6 5.69 18.89 -22.46
N PRO A 7 6.41 17.76 -22.18
CA PRO A 7 5.92 16.68 -21.26
C PRO A 7 5.73 17.18 -19.81
N SER A 8 4.88 16.49 -19.05
CA SER A 8 4.60 16.79 -17.63
C SER A 8 5.38 15.86 -16.70
N PRO A 9 6.50 16.34 -16.05
CA PRO A 9 7.24 15.55 -15.04
C PRO A 9 6.50 15.54 -13.68
N GLY A 10 6.99 14.71 -12.74
CA GLY A 10 6.37 14.60 -11.41
C GLY A 10 7.01 13.52 -10.55
N GLY A 11 6.17 12.84 -9.75
CA GLY A 11 6.62 11.80 -8.82
C GLY A 11 5.74 10.57 -8.91
N VAL A 12 6.36 9.39 -9.10
CA VAL A 12 5.65 8.11 -9.23
C VAL A 12 5.73 7.33 -7.90
N SER A 13 6.90 7.37 -7.24
CA SER A 13 7.17 6.65 -5.98
C SER A 13 8.28 7.38 -5.19
N GLU A 14 8.08 7.51 -3.87
CA GLU A 14 9.02 8.23 -2.98
C GLU A 14 10.27 7.37 -2.65
N SER A 15 11.39 8.02 -2.27
CA SER A 15 12.63 7.32 -1.87
C SER A 15 12.67 7.07 -0.35
N GLY A 16 11.68 7.64 0.39
CA GLY A 16 11.52 7.41 1.82
C GLY A 16 10.50 6.32 2.12
N SER A 17 9.98 6.27 3.36
CA SER A 17 9.00 5.24 3.80
C SER A 17 8.40 5.62 5.17
N GLU A 18 7.18 5.10 5.44
CA GLU A 18 6.49 5.27 6.74
C GLU A 18 6.77 4.05 7.65
N ASP A 19 6.81 4.30 8.98
CA ASP A 19 6.89 3.24 10.01
C ASP A 19 5.58 2.43 10.00
N GLY A 20 5.64 1.19 9.48
CA GLY A 20 4.47 0.32 9.39
C GLY A 20 3.65 0.58 8.14
N LEU A 21 4.29 1.12 7.09
CA LEU A 21 3.66 1.34 5.78
C LEU A 21 3.32 -0.02 5.14
N TYR A 22 2.01 -0.28 4.97
CA TYR A 22 1.55 -1.53 4.34
C TYR A 22 1.61 -1.36 2.82
N GLU A 23 2.59 -2.05 2.21
CA GLU A 23 2.82 -2.03 0.78
C GLU A 23 2.12 -3.23 0.16
N CYS A 24 1.05 -2.96 -0.60
CA CYS A 24 0.40 -3.98 -1.41
C CYS A 24 1.28 -4.22 -2.62
N HIS A 25 1.98 -5.36 -2.63
CA HIS A 25 2.96 -5.71 -3.67
C HIS A 25 2.31 -5.73 -5.06
N HIS A 26 3.08 -5.22 -6.06
CA HIS A 26 2.63 -4.91 -7.45
C HIS A 26 1.99 -3.50 -7.54
N CYS A 27 1.75 -2.83 -6.39
CA CYS A 27 1.17 -1.47 -6.36
C CYS A 27 2.08 -0.51 -5.59
N ALA A 28 2.26 0.69 -6.15
CA ALA A 28 2.92 1.82 -5.44
C ALA A 28 1.89 2.59 -4.57
N LYS A 29 0.59 2.22 -4.70
CA LYS A 29 -0.46 2.67 -3.78
C LYS A 29 -0.33 1.89 -2.45
N LYS A 30 0.38 2.53 -1.50
CA LYS A 30 0.75 1.96 -0.20
C LYS A 30 0.10 2.77 0.91
N PHE A 31 -0.43 2.10 1.95
CA PHE A 31 -1.27 2.75 2.99
C PHE A 31 -0.70 2.44 4.38
N ARG A 32 -0.49 3.50 5.16
CA ARG A 32 -0.10 3.40 6.58
C ARG A 32 -1.31 2.91 7.42
N ARG A 33 -2.53 3.14 6.90
CA ARG A 33 -3.78 2.82 7.59
C ARG A 33 -4.39 1.53 6.99
N GLN A 34 -4.65 0.55 7.86
CA GLN A 34 -5.16 -0.77 7.49
C GLN A 34 -6.59 -0.73 6.91
N ALA A 35 -7.35 0.34 7.24
CA ALA A 35 -8.72 0.53 6.72
C ALA A 35 -8.71 0.70 5.19
N TYR A 36 -7.75 1.51 4.71
CA TYR A 36 -7.58 1.82 3.28
C TYR A 36 -6.95 0.64 2.53
N LEU A 37 -6.00 -0.06 3.19
CA LEU A 37 -5.33 -1.26 2.63
C LEU A 37 -6.36 -2.40 2.48
N ARG A 38 -7.27 -2.51 3.47
CA ARG A 38 -8.33 -3.54 3.50
C ARG A 38 -9.33 -3.33 2.36
N LYS A 39 -9.75 -2.09 2.16
CA LYS A 39 -10.68 -1.71 1.08
C LYS A 39 -10.02 -1.92 -0.30
N HIS A 40 -8.71 -1.66 -0.34
CA HIS A 40 -7.87 -1.88 -1.54
C HIS A 40 -7.71 -3.39 -1.81
N LEU A 41 -7.69 -4.18 -0.73
CA LEU A 41 -7.56 -5.65 -0.79
C LEU A 41 -8.90 -6.28 -1.24
N LEU A 42 -10.01 -5.60 -0.90
CA LEU A 42 -11.38 -6.01 -1.29
C LEU A 42 -11.58 -5.73 -2.80
N ALA A 43 -10.85 -4.72 -3.31
CA ALA A 43 -10.76 -4.43 -4.76
C ALA A 43 -9.99 -5.57 -5.49
N HIS A 44 -8.93 -6.07 -4.84
CA HIS A 44 -8.13 -7.22 -5.34
C HIS A 44 -8.87 -8.56 -5.25
N HIS A 45 -9.94 -8.60 -4.44
CA HIS A 45 -10.71 -9.84 -4.21
C HIS A 45 -11.45 -10.25 -5.51
N GLN A 46 -11.05 -11.40 -6.08
CA GLN A 46 -11.52 -11.92 -7.39
C GLN A 46 -13.06 -12.04 -7.44
N ALA A 47 -13.64 -12.53 -6.35
CA ALA A 47 -15.10 -12.69 -6.21
C ALA A 47 -15.74 -11.37 -5.73
N LEU A 48 -15.98 -10.45 -6.69
CA LEU A 48 -16.63 -9.16 -6.41
C LEU A 48 -17.62 -8.79 -7.54
N GLN A 49 -18.61 -7.96 -7.20
CA GLN A 49 -19.70 -7.55 -8.12
C GLN A 49 -19.18 -6.82 -9.38
N ALA A 50 -18.09 -6.04 -9.20
CA ALA A 50 -17.45 -5.24 -10.25
C ALA A 50 -16.13 -4.68 -9.71
N LYS A 51 -15.10 -4.67 -10.57
CA LYS A 51 -13.75 -4.20 -10.23
C LYS A 51 -13.76 -2.67 -9.94
N GLY A 1 -31.70 20.64 -14.40
CA GLY A 1 -31.42 19.29 -14.92
C GLY A 1 -30.18 19.25 -15.79
N SER A 2 -29.00 19.30 -15.15
CA SER A 2 -27.70 19.33 -15.83
C SER A 2 -26.62 18.82 -14.86
N ASP A 3 -26.39 17.50 -14.86
CA ASP A 3 -25.39 16.84 -14.02
C ASP A 3 -23.98 17.10 -14.59
N ARG A 4 -23.07 17.62 -13.75
CA ARG A 4 -21.70 18.02 -14.15
C ARG A 4 -20.69 17.17 -13.38
N ASP A 5 -19.99 16.27 -14.09
CA ASP A 5 -18.98 15.38 -13.48
C ASP A 5 -17.64 16.12 -13.32
N THR A 6 -17.47 16.81 -12.18
CA THR A 6 -16.29 17.60 -11.88
C THR A 6 -15.08 16.67 -11.52
N PRO A 7 -13.93 16.78 -12.27
CA PRO A 7 -12.75 15.90 -12.04
C PRO A 7 -12.09 16.12 -10.66
N SER A 8 -11.99 15.06 -9.85
CA SER A 8 -11.44 15.10 -8.49
C SER A 8 -10.14 14.24 -8.41
N PRO A 9 -8.93 14.87 -8.53
CA PRO A 9 -7.63 14.15 -8.41
C PRO A 9 -7.37 13.68 -6.97
N GLY A 10 -7.01 12.39 -6.82
CA GLY A 10 -6.75 11.78 -5.51
C GLY A 10 -5.59 10.79 -5.57
N GLY A 11 -4.35 11.31 -5.57
CA GLY A 11 -3.15 10.48 -5.58
C GLY A 11 -1.88 11.30 -5.51
N VAL A 12 -1.67 11.98 -4.37
CA VAL A 12 -0.45 12.77 -4.11
C VAL A 12 0.35 12.15 -2.94
N SER A 13 1.68 12.08 -3.12
CA SER A 13 2.63 11.61 -2.10
C SER A 13 4.06 11.98 -2.54
N GLU A 14 5.02 11.87 -1.61
CA GLU A 14 6.43 12.20 -1.86
C GLU A 14 7.23 10.92 -2.18
N SER A 15 7.54 10.14 -1.12
CA SER A 15 8.39 8.95 -1.19
C SER A 15 8.38 8.27 0.21
N GLY A 16 9.48 7.62 0.62
CA GLY A 16 9.63 7.11 2.00
C GLY A 16 9.25 5.64 2.13
N SER A 17 10.25 4.75 2.04
CA SER A 17 10.09 3.31 2.28
C SER A 17 10.21 3.02 3.80
N GLU A 18 9.23 3.54 4.56
CA GLU A 18 9.22 3.45 6.03
C GLU A 18 8.70 2.09 6.51
N ASP A 19 9.05 1.73 7.76
CA ASP A 19 8.52 0.52 8.42
C ASP A 19 7.22 0.86 9.17
N GLY A 20 6.38 -0.17 9.39
CA GLY A 20 5.02 0.04 9.89
C GLY A 20 4.09 0.68 8.84
N LEU A 21 4.50 0.57 7.57
CA LEU A 21 3.80 1.17 6.41
C LEU A 21 3.18 0.02 5.60
N TYR A 22 1.88 0.16 5.27
CA TYR A 22 1.11 -0.86 4.55
C TYR A 22 1.20 -0.62 3.03
N GLU A 23 1.94 -1.49 2.32
CA GLU A 23 1.97 -1.51 0.85
C GLU A 23 1.35 -2.80 0.33
N CYS A 24 0.79 -2.70 -0.88
CA CYS A 24 0.14 -3.84 -1.56
C CYS A 24 1.19 -4.56 -2.44
N HIS A 25 1.07 -5.89 -2.55
CA HIS A 25 2.07 -6.72 -3.25
C HIS A 25 2.12 -6.40 -4.77
N HIS A 26 0.97 -6.01 -5.34
CA HIS A 26 0.83 -5.71 -6.78
C HIS A 26 0.74 -4.19 -7.04
N CYS A 27 0.87 -3.36 -5.97
CA CYS A 27 0.82 -1.87 -6.10
C CYS A 27 1.68 -1.21 -5.01
N ALA A 28 2.65 -0.39 -5.43
CA ALA A 28 3.58 0.33 -4.53
C ALA A 28 2.89 1.49 -3.76
N LYS A 29 1.59 1.75 -4.04
CA LYS A 29 0.77 2.77 -3.38
C LYS A 29 0.91 2.65 -1.83
N LYS A 30 1.35 3.75 -1.21
CA LYS A 30 1.64 3.80 0.23
C LYS A 30 0.36 4.11 1.03
N PHE A 31 -0.09 3.14 1.83
CA PHE A 31 -1.17 3.31 2.80
C PHE A 31 -0.55 3.30 4.21
N ARG A 32 -0.86 4.28 5.05
CA ARG A 32 -0.38 4.30 6.45
C ARG A 32 -1.28 3.41 7.33
N ARG A 33 -2.56 3.33 6.92
CA ARG A 33 -3.63 2.72 7.73
C ARG A 33 -4.14 1.42 7.07
N GLN A 34 -4.34 0.39 7.92
CA GLN A 34 -4.74 -0.97 7.51
C GLN A 34 -6.13 -0.98 6.84
N ALA A 35 -7.03 -0.11 7.32
CA ALA A 35 -8.43 -0.03 6.84
C ALA A 35 -8.53 0.32 5.33
N TYR A 36 -7.62 1.18 4.87
CA TYR A 36 -7.57 1.64 3.46
C TYR A 36 -6.91 0.58 2.58
N LEU A 37 -5.86 -0.10 3.12
CA LEU A 37 -5.21 -1.24 2.45
C LEU A 37 -6.22 -2.41 2.31
N ARG A 38 -7.09 -2.55 3.31
CA ARG A 38 -8.10 -3.63 3.40
C ARG A 38 -9.19 -3.41 2.34
N LYS A 39 -9.65 -2.15 2.23
CA LYS A 39 -10.66 -1.75 1.22
C LYS A 39 -10.07 -1.91 -0.20
N HIS A 40 -8.77 -1.61 -0.33
CA HIS A 40 -8.01 -1.77 -1.58
C HIS A 40 -7.85 -3.26 -1.95
N LEU A 41 -7.65 -4.08 -0.92
CA LEU A 41 -7.49 -5.55 -1.06
C LEU A 41 -8.80 -6.17 -1.57
N LEU A 42 -9.93 -5.63 -1.07
CA LEU A 42 -11.28 -6.02 -1.49
C LEU A 42 -11.61 -5.54 -2.92
N ALA A 43 -10.94 -4.45 -3.36
CA ALA A 43 -11.05 -3.93 -4.74
C ALA A 43 -10.36 -4.88 -5.76
N HIS A 44 -9.32 -5.61 -5.29
CA HIS A 44 -8.64 -6.68 -6.09
C HIS A 44 -9.58 -7.87 -6.37
N HIS A 45 -10.60 -8.07 -5.51
CA HIS A 45 -11.57 -9.18 -5.64
C HIS A 45 -12.54 -8.91 -6.80
N GLN A 46 -12.41 -9.70 -7.89
CA GLN A 46 -13.29 -9.62 -9.07
C GLN A 46 -14.73 -10.05 -8.71
N ALA A 47 -14.87 -10.91 -7.67
CA ALA A 47 -16.17 -11.33 -7.11
C ALA A 47 -17.01 -10.13 -6.64
N LEU A 48 -16.30 -9.14 -6.06
CA LEU A 48 -16.92 -7.90 -5.56
C LEU A 48 -17.05 -6.87 -6.69
N GLN A 49 -18.18 -6.14 -6.69
CA GLN A 49 -18.44 -5.02 -7.61
C GLN A 49 -17.56 -3.81 -7.19
N ALA A 50 -16.32 -3.81 -7.70
CA ALA A 50 -15.25 -2.88 -7.27
C ALA A 50 -15.36 -1.51 -7.96
N LYS A 51 -16.45 -1.26 -8.70
CA LYS A 51 -16.76 0.05 -9.28
C LYS A 51 -18.21 0.44 -8.91
N GLY A 1 25.68 -24.16 -8.90
CA GLY A 1 25.58 -23.40 -10.15
C GLY A 1 24.42 -22.41 -10.12
N SER A 2 24.73 -21.13 -10.38
CA SER A 2 23.77 -20.02 -10.38
C SER A 2 23.94 -19.19 -11.66
N ASP A 3 22.91 -18.39 -12.00
CA ASP A 3 22.98 -17.41 -13.11
C ASP A 3 23.63 -16.11 -12.58
N ARG A 4 24.11 -15.27 -13.51
CA ARG A 4 24.73 -13.96 -13.20
C ARG A 4 23.78 -13.05 -12.39
N ASP A 5 22.48 -13.08 -12.75
CA ASP A 5 21.41 -12.31 -12.10
C ASP A 5 20.14 -13.18 -12.04
N THR A 6 19.92 -13.86 -10.90
CA THR A 6 18.67 -14.60 -10.65
C THR A 6 17.57 -13.60 -10.22
N PRO A 7 16.38 -13.56 -10.91
CA PRO A 7 15.24 -12.68 -10.55
C PRO A 7 14.83 -12.79 -9.06
N SER A 8 15.37 -11.88 -8.24
CA SER A 8 15.11 -11.82 -6.79
C SER A 8 14.60 -10.40 -6.43
N PRO A 9 13.26 -10.13 -6.58
CA PRO A 9 12.68 -8.81 -6.26
C PRO A 9 12.64 -8.54 -4.74
N GLY A 10 13.52 -7.63 -4.28
CA GLY A 10 13.56 -7.21 -2.87
C GLY A 10 12.56 -6.09 -2.57
N GLY A 11 12.78 -5.38 -1.46
CA GLY A 11 11.94 -4.26 -1.05
C GLY A 11 10.73 -4.70 -0.24
N VAL A 12 9.80 -5.41 -0.90
CA VAL A 12 8.59 -5.97 -0.26
C VAL A 12 8.95 -7.22 0.59
N SER A 13 9.94 -8.00 0.10
CA SER A 13 10.38 -9.24 0.75
C SER A 13 11.48 -8.95 1.79
N GLU A 14 11.05 -8.65 3.03
CA GLU A 14 11.94 -8.31 4.16
C GLU A 14 11.38 -8.86 5.49
N SER A 15 11.99 -8.46 6.62
CA SER A 15 11.53 -8.81 7.98
C SER A 15 11.75 -7.61 8.94
N GLY A 16 12.01 -6.42 8.36
CA GLY A 16 12.36 -5.22 9.14
C GLY A 16 11.15 -4.36 9.51
N SER A 17 10.42 -3.92 8.47
CA SER A 17 9.24 -3.02 8.54
C SER A 17 9.52 -1.78 9.44
N GLU A 18 10.53 -1.02 9.00
CA GLU A 18 11.06 0.15 9.73
C GLU A 18 10.21 1.41 9.45
N ASP A 19 9.64 1.46 8.24
CA ASP A 19 8.76 2.56 7.80
C ASP A 19 7.38 2.42 8.46
N GLY A 20 6.81 1.21 8.38
CA GLY A 20 5.47 0.92 8.89
C GLY A 20 4.37 1.16 7.86
N LEU A 21 4.72 1.82 6.75
CA LEU A 21 3.81 2.05 5.61
C LEU A 21 3.61 0.71 4.87
N TYR A 22 2.36 0.21 4.89
CA TYR A 22 2.02 -1.11 4.33
C TYR A 22 1.92 -1.03 2.80
N GLU A 23 2.92 -1.62 2.12
CA GLU A 23 2.94 -1.76 0.67
C GLU A 23 2.32 -3.13 0.34
N CYS A 24 1.09 -3.12 -0.19
CA CYS A 24 0.37 -4.35 -0.53
C CYS A 24 0.81 -4.86 -1.90
N HIS A 25 1.79 -5.79 -1.89
CA HIS A 25 2.17 -6.67 -3.03
C HIS A 25 2.05 -6.02 -4.43
N HIS A 26 3.14 -5.34 -4.86
CA HIS A 26 3.29 -4.79 -6.25
C HIS A 26 2.39 -3.57 -6.50
N CYS A 27 1.87 -2.95 -5.41
CA CYS A 27 1.06 -1.73 -5.47
C CYS A 27 1.91 -0.56 -4.96
N ALA A 28 2.19 0.41 -5.86
CA ALA A 28 3.11 1.54 -5.58
C ALA A 28 2.65 2.40 -4.39
N LYS A 29 1.31 2.47 -4.17
CA LYS A 29 0.73 3.23 -3.05
C LYS A 29 0.99 2.53 -1.70
N LYS A 30 1.44 3.33 -0.74
CA LYS A 30 1.66 2.92 0.65
C LYS A 30 0.44 3.33 1.48
N PHE A 31 -0.16 2.39 2.20
CA PHE A 31 -1.29 2.67 3.11
C PHE A 31 -0.80 2.54 4.55
N ARG A 32 -1.03 3.56 5.36
CA ARG A 32 -0.60 3.58 6.76
C ARG A 32 -1.68 2.93 7.66
N ARG A 33 -2.94 2.98 7.18
CA ARG A 33 -4.09 2.38 7.89
C ARG A 33 -4.52 1.08 7.19
N GLN A 34 -4.77 0.01 7.98
CA GLN A 34 -5.20 -1.30 7.45
C GLN A 34 -6.66 -1.27 6.97
N ALA A 35 -7.43 -0.26 7.42
CA ALA A 35 -8.81 -0.04 6.96
C ALA A 35 -8.84 0.35 5.47
N TYR A 36 -7.97 1.30 5.09
CA TYR A 36 -7.80 1.74 3.70
C TYR A 36 -7.13 0.63 2.85
N LEU A 37 -6.24 -0.16 3.48
CA LEU A 37 -5.56 -1.31 2.81
C LEU A 37 -6.58 -2.41 2.47
N ARG A 38 -7.52 -2.67 3.39
CA ARG A 38 -8.53 -3.76 3.24
C ARG A 38 -9.63 -3.37 2.23
N LYS A 39 -9.93 -2.08 2.17
CA LYS A 39 -10.83 -1.49 1.16
C LYS A 39 -10.19 -1.61 -0.25
N HIS A 40 -8.88 -1.35 -0.27
CA HIS A 40 -8.01 -1.54 -1.44
C HIS A 40 -7.90 -3.04 -1.83
N LEU A 41 -7.89 -3.91 -0.81
CA LEU A 41 -7.81 -5.37 -0.98
C LEU A 41 -9.15 -5.90 -1.53
N LEU A 42 -10.26 -5.21 -1.20
CA LEU A 42 -11.60 -5.54 -1.72
C LEU A 42 -11.63 -5.23 -3.25
N ALA A 43 -10.89 -4.20 -3.67
CA ALA A 43 -10.69 -3.88 -5.11
C ALA A 43 -9.93 -5.01 -5.85
N HIS A 44 -9.01 -5.72 -5.13
CA HIS A 44 -8.32 -6.92 -5.67
C HIS A 44 -9.30 -8.10 -5.93
N HIS A 45 -10.43 -8.15 -5.18
CA HIS A 45 -11.43 -9.23 -5.33
C HIS A 45 -12.15 -9.14 -6.68
N GLN A 46 -12.26 -10.31 -7.36
CA GLN A 46 -12.95 -10.42 -8.65
C GLN A 46 -14.46 -10.11 -8.47
N ALA A 47 -14.96 -10.40 -7.26
CA ALA A 47 -16.27 -9.93 -6.81
C ALA A 47 -16.20 -8.41 -6.52
N LEU A 48 -16.33 -7.62 -7.60
CA LEU A 48 -16.30 -6.15 -7.53
C LEU A 48 -17.60 -5.60 -8.13
N GLN A 49 -18.52 -5.18 -7.24
CA GLN A 49 -19.85 -4.64 -7.58
C GLN A 49 -19.74 -3.41 -8.49
N ALA A 50 -18.84 -2.49 -8.14
CA ALA A 50 -18.63 -1.23 -8.85
C ALA A 50 -17.14 -0.87 -8.89
N LYS A 51 -16.71 -0.22 -9.97
CA LYS A 51 -15.31 0.20 -10.18
C LYS A 51 -14.98 1.40 -9.27
N GLY A 1 -22.33 10.04 -19.09
CA GLY A 1 -21.00 9.38 -19.19
C GLY A 1 -20.18 9.88 -20.36
N SER A 2 -20.43 11.15 -20.78
CA SER A 2 -19.67 11.78 -21.86
C SER A 2 -18.21 12.00 -21.43
N ASP A 3 -18.04 12.56 -20.23
CA ASP A 3 -16.74 12.67 -19.55
C ASP A 3 -16.55 11.51 -18.58
N ARG A 4 -15.28 11.06 -18.42
CA ARG A 4 -14.90 10.02 -17.45
C ARG A 4 -14.09 10.67 -16.31
N ASP A 5 -14.20 10.11 -15.10
CA ASP A 5 -13.39 10.51 -13.94
C ASP A 5 -11.90 10.16 -14.18
N THR A 6 -11.01 11.03 -13.69
CA THR A 6 -9.58 10.91 -13.92
C THR A 6 -8.92 10.02 -12.84
N PRO A 7 -7.89 9.17 -13.20
CA PRO A 7 -7.11 8.37 -12.21
C PRO A 7 -6.45 9.26 -11.12
N SER A 8 -6.11 8.66 -9.97
CA SER A 8 -5.50 9.37 -8.82
C SER A 8 -3.99 9.01 -8.76
N PRO A 9 -3.09 9.86 -9.34
CA PRO A 9 -1.63 9.58 -9.42
C PRO A 9 -0.85 10.02 -8.16
N GLY A 10 0.46 9.81 -8.19
CA GLY A 10 1.34 10.13 -7.06
C GLY A 10 1.72 8.91 -6.25
N GLY A 11 1.26 8.86 -4.98
CA GLY A 11 1.62 7.81 -4.03
C GLY A 11 2.30 8.39 -2.79
N VAL A 12 3.47 9.02 -3.01
CA VAL A 12 4.24 9.71 -1.97
C VAL A 12 5.44 10.49 -2.59
N SER A 13 5.63 11.74 -2.14
CA SER A 13 6.75 12.60 -2.58
C SER A 13 8.01 12.31 -1.75
N GLU A 14 7.80 11.85 -0.50
CA GLU A 14 8.88 11.55 0.45
C GLU A 14 9.38 10.12 0.23
N SER A 15 10.59 10.00 -0.32
CA SER A 15 11.27 8.72 -0.53
C SER A 15 11.65 8.09 0.83
N GLY A 16 10.73 7.27 1.37
CA GLY A 16 10.92 6.63 2.68
C GLY A 16 9.69 5.86 3.11
N SER A 17 9.87 4.88 3.99
CA SER A 17 8.77 4.05 4.55
C SER A 17 9.13 3.64 5.98
N GLU A 18 8.15 3.09 6.71
CA GLU A 18 8.26 2.82 8.15
C GLU A 18 7.73 1.42 8.51
N ASP A 19 7.97 0.99 9.76
CA ASP A 19 7.39 -0.26 10.31
C ASP A 19 5.87 -0.16 10.37
N GLY A 20 5.19 -1.25 9.98
CA GLY A 20 3.72 -1.33 10.04
C GLY A 20 3.00 -0.59 8.91
N LEU A 21 3.77 -0.02 7.96
CA LEU A 21 3.22 0.59 6.75
C LEU A 21 3.00 -0.54 5.74
N TYR A 22 1.74 -0.73 5.31
CA TYR A 22 1.37 -1.84 4.41
C TYR A 22 1.39 -1.39 2.95
N GLU A 23 2.40 -1.86 2.20
CA GLU A 23 2.44 -1.67 0.74
C GLU A 23 1.99 -2.98 0.07
N CYS A 24 0.95 -2.87 -0.76
CA CYS A 24 0.33 -4.03 -1.42
C CYS A 24 1.11 -4.44 -2.67
N HIS A 25 1.03 -5.74 -3.00
CA HIS A 25 1.74 -6.35 -4.14
C HIS A 25 1.44 -5.64 -5.48
N HIS A 26 2.54 -5.28 -6.20
CA HIS A 26 2.49 -4.64 -7.53
C HIS A 26 1.68 -3.34 -7.48
N CYS A 27 1.84 -2.59 -6.38
CA CYS A 27 1.17 -1.30 -6.19
C CYS A 27 2.11 -0.31 -5.47
N ALA A 28 2.47 0.79 -6.17
CA ALA A 28 3.22 1.91 -5.58
C ALA A 28 2.31 2.72 -4.63
N LYS A 29 0.98 2.58 -4.82
CA LYS A 29 -0.02 3.12 -3.88
C LYS A 29 0.01 2.31 -2.56
N LYS A 30 0.84 2.79 -1.64
CA LYS A 30 1.01 2.22 -0.30
C LYS A 30 -0.01 2.84 0.68
N PHE A 31 -0.25 2.17 1.82
CA PHE A 31 -1.17 2.66 2.87
C PHE A 31 -0.57 2.36 4.26
N ARG A 32 -0.50 3.38 5.12
CA ARG A 32 0.02 3.24 6.50
C ARG A 32 -1.02 2.55 7.40
N ARG A 33 -2.31 2.85 7.16
CA ARG A 33 -3.43 2.33 7.97
C ARG A 33 -4.20 1.22 7.22
N GLN A 34 -4.74 0.24 7.99
CA GLN A 34 -5.36 -0.97 7.45
C GLN A 34 -6.69 -0.70 6.72
N ALA A 35 -7.38 0.40 7.09
CA ALA A 35 -8.71 0.75 6.52
C ALA A 35 -8.67 0.85 4.98
N TYR A 36 -7.72 1.66 4.50
CA TYR A 36 -7.51 1.93 3.07
C TYR A 36 -7.03 0.65 2.36
N LEU A 37 -6.09 -0.07 3.02
CA LEU A 37 -5.48 -1.31 2.49
C LEU A 37 -6.56 -2.40 2.33
N ARG A 38 -7.52 -2.44 3.27
CA ARG A 38 -8.55 -3.49 3.32
C ARG A 38 -9.53 -3.35 2.14
N LYS A 39 -10.00 -2.10 1.90
CA LYS A 39 -10.88 -1.80 0.75
C LYS A 39 -10.12 -1.93 -0.58
N HIS A 40 -8.80 -1.71 -0.52
CA HIS A 40 -7.89 -1.87 -1.68
C HIS A 40 -7.69 -3.37 -2.01
N LEU A 41 -7.65 -4.20 -0.96
CA LEU A 41 -7.52 -5.66 -1.07
C LEU A 41 -8.85 -6.27 -1.56
N LEU A 42 -9.95 -5.62 -1.13
CA LEU A 42 -11.32 -5.92 -1.55
C LEU A 42 -11.49 -5.53 -3.04
N ALA A 43 -10.75 -4.48 -3.46
CA ALA A 43 -10.73 -4.02 -4.86
C ALA A 43 -10.08 -5.06 -5.80
N HIS A 44 -9.01 -5.74 -5.29
CA HIS A 44 -8.40 -6.88 -6.01
C HIS A 44 -9.36 -8.10 -6.01
N HIS A 45 -10.22 -8.18 -4.97
CA HIS A 45 -11.24 -9.23 -4.86
C HIS A 45 -12.46 -8.90 -5.75
N GLN A 46 -12.49 -9.52 -6.95
CA GLN A 46 -13.54 -9.24 -7.97
C GLN A 46 -14.86 -9.98 -7.64
N ALA A 47 -14.77 -11.04 -6.83
CA ALA A 47 -15.93 -11.91 -6.49
C ALA A 47 -16.73 -11.34 -5.30
N LEU A 48 -17.24 -10.11 -5.45
CA LEU A 48 -18.06 -9.44 -4.43
C LEU A 48 -19.55 -9.72 -4.73
N GLN A 49 -20.17 -10.59 -3.91
CA GLN A 49 -21.61 -10.91 -4.01
C GLN A 49 -22.41 -10.00 -3.04
N ALA A 50 -21.86 -9.77 -1.86
CA ALA A 50 -22.48 -8.93 -0.81
C ALA A 50 -21.38 -8.27 0.05
N LYS A 51 -21.78 -7.32 0.92
CA LYS A 51 -20.85 -6.62 1.83
C LYS A 51 -20.44 -7.56 3.00
N GLY A 1 7.18 52.99 9.63
CA GLY A 1 6.85 51.90 10.57
C GLY A 1 7.74 50.68 10.37
N SER A 2 7.46 49.62 11.14
CA SER A 2 8.21 48.36 11.10
C SER A 2 7.23 47.19 11.32
N ASP A 3 6.62 46.68 10.23
CA ASP A 3 5.71 45.52 10.29
C ASP A 3 6.53 44.21 10.22
N ARG A 4 5.92 43.11 10.67
CA ARG A 4 6.56 41.78 10.71
C ARG A 4 6.14 40.98 9.47
N ASP A 5 7.11 40.78 8.56
CA ASP A 5 6.92 39.96 7.35
C ASP A 5 6.76 38.48 7.74
N THR A 6 5.62 37.90 7.37
CA THR A 6 5.24 36.55 7.79
C THR A 6 6.09 35.46 7.06
N PRO A 7 6.84 34.59 7.83
CA PRO A 7 7.59 33.44 7.26
C PRO A 7 6.66 32.43 6.54
N SER A 8 7.12 31.92 5.39
CA SER A 8 6.39 30.94 4.59
C SER A 8 7.23 29.64 4.49
N PRO A 9 7.03 28.65 5.44
CA PRO A 9 7.69 27.33 5.36
C PRO A 9 7.17 26.50 4.16
N GLY A 10 8.06 25.67 3.59
CA GLY A 10 7.74 24.83 2.44
C GLY A 10 8.82 23.79 2.19
N GLY A 11 9.17 23.06 3.28
CA GLY A 11 10.24 22.06 3.25
C GLY A 11 9.77 20.72 3.82
N VAL A 12 9.51 19.77 2.92
CA VAL A 12 9.02 18.43 3.28
C VAL A 12 9.45 17.41 2.21
N SER A 13 9.94 16.23 2.67
CA SER A 13 10.36 15.13 1.78
C SER A 13 10.53 13.81 2.59
N GLU A 14 9.89 12.72 2.10
CA GLU A 14 10.12 11.37 2.63
C GLU A 14 11.53 10.91 2.20
N SER A 15 12.52 11.18 3.05
CA SER A 15 13.94 10.96 2.74
C SER A 15 14.27 9.45 2.74
N GLY A 16 14.05 8.80 3.90
CA GLY A 16 14.28 7.36 4.08
C GLY A 16 12.97 6.58 4.10
N SER A 17 13.03 5.30 3.69
CA SER A 17 11.89 4.39 3.70
C SER A 17 11.67 3.85 5.14
N GLU A 18 10.83 4.57 5.91
CA GLU A 18 10.51 4.18 7.29
C GLU A 18 9.62 2.91 7.33
N ASP A 19 9.94 1.99 8.25
CA ASP A 19 9.17 0.75 8.46
C ASP A 19 7.92 1.04 9.30
N GLY A 20 6.90 0.17 9.16
CA GLY A 20 5.57 0.42 9.71
C GLY A 20 4.62 1.02 8.68
N LEU A 21 5.17 1.28 7.48
CA LEU A 21 4.42 1.80 6.33
C LEU A 21 3.89 0.62 5.50
N TYR A 22 2.55 0.57 5.30
CA TYR A 22 1.87 -0.57 4.67
C TYR A 22 1.85 -0.44 3.13
N GLU A 23 2.54 -1.37 2.47
CA GLU A 23 2.53 -1.48 1.00
C GLU A 23 1.84 -2.81 0.61
N CYS A 24 0.93 -2.73 -0.37
CA CYS A 24 0.30 -3.92 -0.97
C CYS A 24 1.22 -4.44 -2.07
N HIS A 25 1.59 -5.74 -2.02
CA HIS A 25 2.64 -6.33 -2.86
C HIS A 25 2.36 -6.15 -4.37
N HIS A 26 3.38 -5.62 -5.08
CA HIS A 26 3.37 -5.33 -6.54
C HIS A 26 2.61 -4.03 -6.88
N CYS A 27 1.78 -3.52 -5.94
CA CYS A 27 1.11 -2.21 -6.07
C CYS A 27 2.00 -1.14 -5.41
N ALA A 28 2.32 -0.08 -6.18
CA ALA A 28 3.17 1.04 -5.72
C ALA A 28 2.39 2.03 -4.83
N LYS A 29 1.05 1.86 -4.75
CA LYS A 29 0.17 2.69 -3.92
C LYS A 29 0.50 2.50 -2.42
N LYS A 30 0.77 3.63 -1.76
CA LYS A 30 1.20 3.69 -0.36
C LYS A 30 -0.02 3.75 0.58
N PHE A 31 0.08 3.08 1.75
CA PHE A 31 -0.96 3.09 2.80
C PHE A 31 -0.29 3.26 4.17
N ARG A 32 -0.98 3.96 5.08
CA ARG A 32 -0.52 4.19 6.46
C ARG A 32 -1.44 3.47 7.45
N ARG A 33 -2.74 3.38 7.10
CA ARG A 33 -3.76 2.65 7.90
C ARG A 33 -4.19 1.38 7.13
N GLN A 34 -4.36 0.27 7.87
CA GLN A 34 -4.70 -1.04 7.29
C GLN A 34 -6.15 -1.06 6.76
N ALA A 35 -7.02 -0.20 7.32
CA ALA A 35 -8.44 -0.10 6.90
C ALA A 35 -8.59 0.15 5.39
N TYR A 36 -7.76 1.07 4.87
CA TYR A 36 -7.74 1.43 3.45
C TYR A 36 -7.08 0.33 2.61
N LEU A 37 -6.07 -0.35 3.21
CA LEU A 37 -5.38 -1.50 2.58
C LEU A 37 -6.40 -2.64 2.33
N ARG A 38 -7.28 -2.88 3.32
CA ARG A 38 -8.28 -3.97 3.30
C ARG A 38 -9.44 -3.63 2.34
N LYS A 39 -9.73 -2.33 2.18
CA LYS A 39 -10.73 -1.83 1.19
C LYS A 39 -10.15 -1.98 -0.23
N HIS A 40 -8.83 -1.78 -0.33
CA HIS A 40 -8.06 -1.99 -1.58
C HIS A 40 -7.95 -3.49 -1.92
N LEU A 41 -7.86 -4.32 -0.87
CA LEU A 41 -7.80 -5.79 -0.97
C LEU A 41 -9.18 -6.32 -1.45
N LEU A 42 -10.24 -5.61 -1.01
CA LEU A 42 -11.62 -5.84 -1.46
C LEU A 42 -11.74 -5.45 -2.95
N ALA A 43 -11.05 -4.38 -3.35
CA ALA A 43 -11.04 -3.87 -4.75
C ALA A 43 -10.31 -4.85 -5.71
N HIS A 44 -9.44 -5.73 -5.16
CA HIS A 44 -8.78 -6.83 -5.92
C HIS A 44 -9.78 -7.93 -6.34
N HIS A 45 -10.94 -8.02 -5.66
CA HIS A 45 -11.98 -9.04 -5.96
C HIS A 45 -12.63 -8.81 -7.34
N GLN A 46 -12.95 -9.93 -8.03
CA GLN A 46 -13.60 -9.91 -9.35
C GLN A 46 -15.05 -9.39 -9.24
N ALA A 47 -15.74 -9.84 -8.18
CA ALA A 47 -17.08 -9.37 -7.86
C ALA A 47 -16.99 -8.00 -7.17
N LEU A 48 -17.04 -6.93 -7.99
CA LEU A 48 -17.01 -5.54 -7.52
C LEU A 48 -18.33 -4.89 -7.96
N GLN A 49 -19.37 -5.13 -7.15
CA GLN A 49 -20.72 -4.60 -7.40
C GLN A 49 -20.80 -3.14 -6.92
N ALA A 50 -20.71 -2.21 -7.88
CA ALA A 50 -20.75 -0.76 -7.63
C ALA A 50 -21.17 -0.01 -8.91
N LYS A 51 -21.64 1.23 -8.74
CA LYS A 51 -22.01 2.12 -9.87
C LYS A 51 -21.67 3.59 -9.50
#